data_6HZH
#
_entry.id   6HZH
#
_cell.length_a   105.444
_cell.length_b   105.444
_cell.length_c   118.522
_cell.angle_alpha   90.00
_cell.angle_beta   90.00
_cell.angle_gamma   120.00
#
_symmetry.space_group_name_H-M   'P 32 2 1'
#
loop_
_entity.id
_entity.type
_entity.pdbx_description
1 polymer 'Penicillin-binding protein'
2 water water
#
_entity_poly.entity_id   1
_entity_poly.type   'polypeptide(L)'
_entity_poly.pdbx_seq_one_letter_code
;GPGYQDPLTINADLQRVAEESLNAAVKRVGGVWGSAAVLEIGTGRLLALAPGGTRSVSAIYEPGSVGKLVTLAAAIDQKK
VTPTSTFTVSSTRDMPNGERISDDSPHETQDMTVAGIIAHSYNTGTVQIGDTVSDSVRYEYMQKFGWGAKTGITLPSEES
GILRPHTEWGDRDHYTTMFGQGVAVTTIQLAQMVAVFGQKGVLIPPRIIDGYDDENGVYTPTVMGESRQVVSEDTAQTVL
NIMQGATQPGGTAEGIGAVKGYNVAAKTGTAENVGSSGSLTDTAATFTALIPAENPKIAVAVVIYKENGTVYGSTASAPV
FVDIAQFAMREMKIPPSTVPLYKYPW
;
_entity_poly.pdbx_strand_id   A,B
#
# COMPACT_ATOMS: atom_id res chain seq x y z
N GLN A 5 19.62 9.64 3.87
CA GLN A 5 19.17 8.90 5.11
C GLN A 5 17.85 8.13 4.92
N ASP A 6 16.75 8.83 4.67
CA ASP A 6 15.46 8.17 4.43
C ASP A 6 15.55 7.44 3.10
N PRO A 7 15.33 6.11 3.12
CA PRO A 7 15.47 5.30 1.92
C PRO A 7 14.23 5.26 1.01
N LEU A 8 13.08 5.72 1.50
CA LEU A 8 11.90 5.83 0.64
C LEU A 8 11.99 7.02 -0.31
N THR A 9 11.38 6.88 -1.48
CA THR A 9 11.39 7.90 -2.51
C THR A 9 10.35 8.99 -2.27
N ILE A 10 9.33 8.69 -1.46
CA ILE A 10 8.23 9.61 -1.20
C ILE A 10 8.69 11.01 -0.76
N ASN A 11 8.18 12.03 -1.44
CA ASN A 11 8.32 13.41 -0.98
C ASN A 11 7.15 13.74 -0.04
N ALA A 12 7.47 13.96 1.24
CA ALA A 12 6.45 14.10 2.29
C ALA A 12 5.46 15.25 2.03
N ASP A 13 5.96 16.40 1.60
CA ASP A 13 5.10 17.53 1.26
C ASP A 13 4.19 17.25 0.07
N LEU A 14 4.75 16.68 -0.99
CA LEU A 14 3.93 16.31 -2.13
C LEU A 14 2.89 15.29 -1.71
N GLN A 15 3.27 14.37 -0.84
CA GLN A 15 2.36 13.32 -0.37
C GLN A 15 1.16 13.89 0.41
N ARG A 16 1.40 14.96 1.17
CA ARG A 16 0.33 15.65 1.88
C ARG A 16 -0.60 16.36 0.93
N VAL A 17 -0.03 17.05 -0.05
CA VAL A 17 -0.83 17.69 -1.10
C VAL A 17 -1.70 16.64 -1.77
N ALA A 18 -1.10 15.51 -2.14
CA ALA A 18 -1.82 14.44 -2.83
C ALA A 18 -3.00 13.92 -2.01
N GLU A 19 -2.74 13.61 -0.73
CA GLU A 19 -3.75 13.06 0.16
C GLU A 19 -4.84 14.05 0.48
N GLU A 20 -4.44 15.28 0.76
CA GLU A 20 -5.39 16.37 0.98
C GLU A 20 -6.35 16.55 -0.21
N SER A 21 -5.79 16.72 -1.41
CA SER A 21 -6.58 16.95 -2.61
C SER A 21 -7.50 15.80 -2.92
N LEU A 22 -6.97 14.60 -2.80
CA LEU A 22 -7.70 13.39 -3.15
C LEU A 22 -8.88 13.15 -2.20
N ASN A 23 -8.66 13.34 -0.90
CA ASN A 23 -9.74 13.24 0.09
C ASN A 23 -10.83 14.26 -0.14
N ALA A 24 -10.43 15.50 -0.45
CA ALA A 24 -11.39 16.55 -0.76
C ALA A 24 -12.21 16.19 -2.00
N ALA A 25 -11.53 15.69 -3.02
CA ALA A 25 -12.18 15.28 -4.25
C ALA A 25 -13.16 14.13 -4.06
N VAL A 26 -12.77 13.12 -3.30
CA VAL A 26 -13.62 11.96 -3.07
C VAL A 26 -14.92 12.44 -2.39
N LYS A 27 -14.78 13.32 -1.40
CA LYS A 27 -15.92 13.86 -0.65
C LYS A 27 -16.76 14.80 -1.50
N ARG A 28 -16.09 15.76 -2.14
CA ARG A 28 -16.74 16.73 -3.02
C ARG A 28 -17.67 16.07 -4.04
N VAL A 29 -17.31 14.87 -4.47
CA VAL A 29 -17.98 14.19 -5.56
C VAL A 29 -18.86 13.03 -5.07
N GLY A 30 -18.75 12.69 -3.79
CA GLY A 30 -19.51 11.59 -3.21
C GLY A 30 -19.01 10.20 -3.60
N GLY A 31 -17.70 10.07 -3.81
CA GLY A 31 -17.13 8.77 -4.13
C GLY A 31 -16.84 7.99 -2.87
N VAL A 32 -16.38 6.75 -3.03
CA VAL A 32 -16.01 5.91 -1.88
C VAL A 32 -14.51 5.89 -1.62
N TRP A 33 -13.70 5.94 -2.68
CA TRP A 33 -12.25 6.03 -2.54
C TRP A 33 -11.64 6.63 -3.78
N GLY A 34 -10.37 6.95 -3.67
CA GLY A 34 -9.60 7.45 -4.78
C GLY A 34 -8.17 7.00 -4.59
N SER A 35 -7.37 7.17 -5.63
CA SER A 35 -5.97 6.86 -5.53
C SER A 35 -5.16 7.76 -6.45
N ALA A 36 -3.90 8.02 -6.09
CA ALA A 36 -3.02 8.83 -6.91
C ALA A 36 -1.58 8.35 -6.80
N ALA A 37 -0.87 8.35 -7.94
CA ALA A 37 0.53 7.96 -8.00
C ALA A 37 1.26 8.99 -8.83
N VAL A 38 2.37 9.49 -8.28
CA VAL A 38 3.25 10.45 -8.96
C VAL A 38 4.60 9.79 -9.17
N LEU A 39 5.05 9.71 -10.42
CA LEU A 39 6.34 9.12 -10.73
C LEU A 39 7.27 10.17 -11.23
N GLU A 40 8.53 10.06 -10.84
CA GLU A 40 9.56 10.92 -11.37
C GLU A 40 9.94 10.34 -12.72
N ILE A 41 9.88 11.17 -13.76
CA ILE A 41 10.19 10.74 -15.12
C ILE A 41 11.65 10.28 -15.19
N GLY A 42 11.86 9.10 -15.74
CA GLY A 42 13.21 8.65 -16.04
C GLY A 42 13.87 7.82 -14.96
N THR A 43 13.29 7.76 -13.78
CA THR A 43 13.93 7.02 -12.68
C THR A 43 13.02 5.97 -12.12
N GLY A 44 11.73 6.08 -12.40
CA GLY A 44 10.76 5.17 -11.80
C GLY A 44 10.44 5.47 -10.35
N ARG A 45 10.99 6.56 -9.81
CA ARG A 45 10.84 6.84 -8.39
C ARG A 45 9.49 7.47 -8.05
N LEU A 46 8.83 6.89 -7.05
CA LEU A 46 7.52 7.36 -6.60
C LEU A 46 7.63 8.53 -5.65
N LEU A 47 7.28 9.72 -6.14
CA LEU A 47 7.30 10.93 -5.34
C LEU A 47 6.10 11.06 -4.39
N ALA A 48 5.00 10.41 -4.73
CA ALA A 48 3.81 10.37 -3.89
C ALA A 48 2.99 9.18 -4.30
N LEU A 49 2.32 8.58 -3.34
CA LEU A 49 1.45 7.45 -3.57
C LEU A 49 0.37 7.51 -2.51
N ALA A 50 -0.85 7.86 -2.93
CA ALA A 50 -1.97 8.00 -2.02
C ALA A 50 -3.08 7.07 -2.48
N PRO A 51 -3.87 6.54 -1.55
CA PRO A 51 -3.68 6.86 -0.12
C PRO A 51 -2.55 6.03 0.48
N GLY A 52 -2.25 6.32 1.75
CA GLY A 52 -1.15 5.69 2.47
C GLY A 52 -1.45 4.23 2.68
N GLY A 53 -2.09 3.65 1.67
CA GLY A 53 -2.52 2.28 1.70
C GLY A 53 -2.12 1.62 0.41
N THR A 54 -2.11 0.30 0.38
CA THR A 54 -1.75 -0.42 -0.82
C THR A 54 -2.74 -0.01 -1.90
N ARG A 55 -3.99 0.20 -1.51
CA ARG A 55 -5.05 0.51 -2.48
C ARG A 55 -4.55 0.91 -3.87
N SER A 56 -3.54 1.77 -3.92
CA SER A 56 -2.98 2.18 -5.20
C SER A 56 -2.38 1.02 -6.01
N VAL A 57 -2.09 -0.08 -5.34
CA VAL A 57 -1.47 -1.23 -6.01
C VAL A 57 -2.37 -2.48 -6.00
N SER A 58 -3.44 -2.47 -5.20
CA SER A 58 -4.28 -3.64 -5.12
C SER A 58 -5.67 -3.43 -5.70
N ALA A 59 -6.16 -2.20 -5.70
CA ALA A 59 -7.52 -1.98 -6.24
C ALA A 59 -7.50 -1.95 -7.76
N ILE A 60 -8.30 -2.81 -8.37
CA ILE A 60 -8.38 -2.88 -9.83
C ILE A 60 -9.70 -2.33 -10.34
N TYR A 61 -9.68 -1.74 -11.53
CA TYR A 61 -10.88 -1.12 -12.09
C TYR A 61 -10.70 -0.95 -13.60
N GLU A 62 -11.81 -0.85 -14.32
CA GLU A 62 -11.76 -0.46 -15.71
C GLU A 62 -11.51 1.04 -15.78
N PRO A 63 -10.43 1.44 -16.48
CA PRO A 63 -9.96 2.82 -16.49
C PRO A 63 -10.63 3.76 -17.50
N GLY A 64 -11.37 3.21 -18.48
CA GLY A 64 -11.92 4.02 -19.57
C GLY A 64 -10.85 4.61 -20.46
N SER A 65 -11.14 5.79 -21.00
CA SER A 65 -10.40 6.34 -22.13
C SER A 65 -8.96 6.78 -21.93
N VAL A 66 -8.44 6.72 -20.72
CA VAL A 66 -7.01 6.83 -20.57
C VAL A 66 -6.35 5.68 -21.33
N GLY A 67 -7.08 4.58 -21.51
CA GLY A 67 -6.59 3.44 -22.30
C GLY A 67 -6.54 3.68 -23.81
N LYS A 68 -7.20 4.74 -24.29
CA LYS A 68 -7.10 5.12 -25.70
C LYS A 68 -5.65 5.41 -26.10
N LEU A 69 -4.78 5.65 -25.11
CA LEU A 69 -3.39 6.00 -25.39
C LEU A 69 -2.58 4.80 -25.89
N VAL A 70 -2.97 3.61 -25.42
CA VAL A 70 -2.37 2.35 -25.84
C VAL A 70 -2.77 2.03 -27.29
N THR A 71 -4.05 2.25 -27.60
CA THR A 71 -4.60 2.09 -28.93
C THR A 71 -3.95 3.02 -29.95
N LEU A 72 -3.81 4.28 -29.55
CA LEU A 72 -3.18 5.33 -30.35
C LEU A 72 -1.71 5.02 -30.60
N ALA A 73 -1.00 4.69 -29.53
CA ALA A 73 0.43 4.36 -29.61
C ALA A 73 0.70 3.15 -30.52
N ALA A 74 -0.13 2.11 -30.43
CA ALA A 74 -0.07 0.93 -31.34
C ALA A 74 -0.17 1.31 -32.83
N ALA A 75 -1.24 2.03 -33.20
CA ALA A 75 -1.43 2.47 -34.58
C ALA A 75 -0.32 3.39 -35.08
N ILE A 76 0.20 4.26 -34.22
CA ILE A 76 1.29 5.12 -34.65
C ILE A 76 2.60 4.34 -34.76
N ASP A 77 2.85 3.47 -33.79
CA ASP A 77 4.10 2.71 -33.79
C ASP A 77 4.14 1.76 -34.99
N GLN A 78 2.98 1.28 -35.39
CA GLN A 78 2.85 0.38 -36.53
C GLN A 78 2.77 1.14 -37.85
N LYS A 79 2.93 2.45 -37.79
CA LYS A 79 2.92 3.32 -38.96
C LYS A 79 1.63 3.22 -39.75
N LYS A 80 0.53 2.97 -39.05
CA LYS A 80 -0.78 2.87 -39.69
C LYS A 80 -1.49 4.22 -39.81
N VAL A 81 -1.20 5.13 -38.88
CA VAL A 81 -1.76 6.48 -38.88
C VAL A 81 -0.69 7.50 -38.48
N THR A 82 -0.92 8.76 -38.87
CA THR A 82 -0.12 9.87 -38.40
C THR A 82 -1.06 10.78 -37.60
N PRO A 83 -0.52 11.77 -36.88
CA PRO A 83 -1.41 12.66 -36.13
C PRO A 83 -2.38 13.48 -37.01
N THR A 84 -2.07 13.63 -38.29
CA THR A 84 -2.94 14.39 -39.19
C THR A 84 -3.79 13.54 -40.17
N SER A 85 -3.84 12.23 -39.94
CA SER A 85 -4.71 11.32 -40.68
C SER A 85 -6.15 11.66 -40.34
N THR A 86 -7.04 11.66 -41.32
CA THR A 86 -8.44 12.07 -41.13
C THR A 86 -9.36 10.86 -41.01
N PHE A 87 -10.27 10.90 -40.03
CA PHE A 87 -11.37 9.95 -39.95
C PHE A 87 -12.65 10.74 -39.68
N THR A 88 -13.79 10.15 -40.04
CA THR A 88 -15.11 10.74 -39.78
C THR A 88 -15.56 10.37 -38.39
N VAL A 89 -15.97 11.39 -37.64
CA VAL A 89 -16.56 11.19 -36.32
C VAL A 89 -18.05 11.56 -36.37
N SER A 90 -18.86 10.81 -35.64
CA SER A 90 -20.30 10.98 -35.67
C SER A 90 -20.84 10.44 -34.36
N SER A 91 -22.12 10.71 -34.05
CA SER A 91 -22.72 10.25 -32.81
C SER A 91 -22.58 8.75 -32.65
N THR A 92 -22.82 8.01 -33.73
CA THR A 92 -22.67 6.55 -33.72
C THR A 92 -21.97 6.09 -34.98
N ARG A 93 -21.43 4.88 -34.96
CA ARG A 93 -20.84 4.32 -36.14
C ARG A 93 -21.09 2.83 -36.10
N ASP A 94 -21.61 2.28 -37.19
CA ASP A 94 -21.80 0.83 -37.29
C ASP A 94 -20.57 0.19 -37.91
N MET A 95 -20.05 -0.84 -37.26
CA MET A 95 -18.73 -1.38 -37.60
C MET A 95 -18.86 -2.61 -38.49
N PRO A 96 -17.74 -3.02 -39.13
CA PRO A 96 -17.75 -4.23 -39.95
C PRO A 96 -18.33 -5.46 -39.25
N ASN A 97 -18.01 -5.65 -37.96
CA ASN A 97 -18.45 -6.83 -37.21
C ASN A 97 -19.87 -6.73 -36.62
N GLY A 98 -20.56 -5.65 -36.94
CA GLY A 98 -21.94 -5.50 -36.51
C GLY A 98 -22.12 -4.67 -35.26
N GLU A 99 -21.02 -4.37 -34.58
CA GLU A 99 -21.05 -3.52 -33.40
C GLU A 99 -21.37 -2.07 -33.74
N ARG A 100 -22.35 -1.50 -33.04
CA ARG A 100 -22.59 -0.07 -33.08
C ARG A 100 -21.80 0.61 -31.94
N ILE A 101 -20.92 1.54 -32.30
CA ILE A 101 -20.11 2.29 -31.35
C ILE A 101 -20.73 3.67 -31.22
N SER A 102 -20.83 4.17 -30.00
CA SER A 102 -21.44 5.48 -29.76
C SER A 102 -20.44 6.38 -29.07
N ASP A 103 -20.48 7.66 -29.41
CA ASP A 103 -19.68 8.65 -28.67
C ASP A 103 -20.40 8.99 -27.37
N ASP A 104 -19.64 9.41 -26.35
CA ASP A 104 -20.22 9.68 -25.03
C ASP A 104 -21.42 10.63 -25.13
N SER A 105 -21.30 11.62 -26.00
CA SER A 105 -22.38 12.55 -26.24
C SER A 105 -22.59 12.77 -27.74
N PRO A 106 -23.86 12.83 -28.19
CA PRO A 106 -24.09 13.10 -29.60
C PRO A 106 -23.54 14.48 -30.00
N HIS A 107 -23.17 14.61 -31.28
CA HIS A 107 -22.55 15.82 -31.83
C HIS A 107 -22.66 15.80 -33.34
N GLU A 108 -22.41 16.93 -34.00
CA GLU A 108 -22.43 16.98 -35.45
C GLU A 108 -21.35 16.09 -36.09
N THR A 109 -21.73 15.28 -37.07
CA THR A 109 -20.77 14.53 -37.86
C THR A 109 -19.79 15.47 -38.53
N GLN A 110 -18.52 15.06 -38.53
CA GLN A 110 -17.48 15.82 -39.20
C GLN A 110 -16.22 14.98 -39.39
N ASP A 111 -15.37 15.43 -40.29
CA ASP A 111 -14.08 14.82 -40.46
C ASP A 111 -13.08 15.49 -39.52
N MET A 112 -12.20 14.68 -38.92
CA MET A 112 -11.26 15.23 -37.96
C MET A 112 -9.96 14.43 -37.99
N THR A 113 -8.84 15.08 -37.67
CA THR A 113 -7.57 14.36 -37.58
C THR A 113 -7.50 13.48 -36.34
N VAL A 114 -6.53 12.56 -36.33
CA VAL A 114 -6.25 11.70 -35.19
C VAL A 114 -6.01 12.55 -33.93
N ALA A 115 -5.19 13.59 -34.06
CA ALA A 115 -4.92 14.53 -32.97
C ALA A 115 -6.19 15.08 -32.34
N GLY A 116 -7.12 15.56 -33.16
CA GLY A 116 -8.37 16.11 -32.67
C GLY A 116 -9.27 15.05 -32.07
N ILE A 117 -9.32 13.89 -32.73
CA ILE A 117 -10.11 12.75 -32.26
C ILE A 117 -9.72 12.39 -30.81
N ILE A 118 -8.41 12.34 -30.53
CA ILE A 118 -7.93 12.03 -29.17
C ILE A 118 -8.20 13.18 -28.20
N ALA A 119 -7.97 14.42 -28.61
CA ALA A 119 -8.28 15.59 -27.78
C ALA A 119 -9.75 15.64 -27.37
N HIS A 120 -10.65 15.33 -28.29
CA HIS A 120 -12.08 15.21 -28.00
C HIS A 120 -12.49 13.90 -27.40
N SER A 121 -11.58 12.93 -27.41
CA SER A 121 -11.85 11.56 -26.97
C SER A 121 -13.05 10.88 -27.68
N TYR A 122 -13.13 11.04 -29.00
CA TYR A 122 -14.26 10.51 -29.75
C TYR A 122 -14.11 9.02 -30.00
N ASN A 123 -15.03 8.21 -29.46
CA ASN A 123 -14.98 6.76 -29.63
C ASN A 123 -15.07 6.34 -31.09
N THR A 124 -15.91 7.02 -31.85
CA THR A 124 -16.17 6.65 -33.24
C THR A 124 -14.91 6.82 -34.06
N GLY A 125 -14.11 7.84 -33.71
CA GLY A 125 -12.82 8.05 -34.34
C GLY A 125 -11.81 7.03 -33.89
N THR A 126 -11.81 6.71 -32.60
CA THR A 126 -10.80 5.84 -32.00
C THR A 126 -10.87 4.41 -32.49
N VAL A 127 -12.09 3.89 -32.68
CA VAL A 127 -12.27 2.52 -33.17
C VAL A 127 -11.69 2.34 -34.58
N GLN A 128 -11.71 3.42 -35.36
CA GLN A 128 -11.16 3.38 -36.71
C GLN A 128 -9.63 3.40 -36.68
N ILE A 129 -9.07 4.14 -35.73
CA ILE A 129 -7.63 4.10 -35.51
C ILE A 129 -7.22 2.69 -35.07
N GLY A 130 -8.00 2.11 -34.17
CA GLY A 130 -7.69 0.80 -33.63
C GLY A 130 -7.84 -0.35 -34.61
N ASP A 131 -8.79 -0.21 -35.53
CA ASP A 131 -8.98 -1.21 -36.59
C ASP A 131 -7.84 -1.28 -37.60
N THR A 132 -6.95 -0.30 -37.61
CA THR A 132 -5.82 -0.34 -38.54
C THR A 132 -4.75 -1.32 -38.07
N VAL A 133 -4.93 -1.86 -36.87
CA VAL A 133 -3.96 -2.77 -36.27
C VAL A 133 -4.70 -4.05 -35.84
N SER A 134 -4.03 -5.21 -35.88
CA SER A 134 -4.67 -6.45 -35.46
C SER A 134 -4.84 -6.50 -33.95
N ASP A 135 -5.75 -7.35 -33.51
CA ASP A 135 -5.97 -7.58 -32.08
C ASP A 135 -4.76 -8.16 -31.38
N SER A 136 -4.05 -9.09 -32.02
CA SER A 136 -2.87 -9.68 -31.38
C SER A 136 -1.75 -8.65 -31.23
N VAL A 137 -1.65 -7.74 -32.19
CA VAL A 137 -0.69 -6.64 -32.11
C VAL A 137 -1.03 -5.67 -30.95
N ARG A 138 -2.28 -5.24 -30.86
CA ARG A 138 -2.73 -4.37 -29.77
C ARG A 138 -2.50 -5.05 -28.43
N TYR A 139 -2.90 -6.31 -28.33
CA TYR A 139 -2.72 -7.08 -27.10
C TYR A 139 -1.27 -7.07 -26.68
N GLU A 140 -0.37 -7.29 -27.63
CA GLU A 140 1.05 -7.23 -27.37
C GLU A 140 1.51 -5.87 -26.82
N TYR A 141 1.00 -4.78 -27.39
CA TYR A 141 1.27 -3.43 -26.87
C TYR A 141 0.74 -3.22 -25.44
N MET A 142 -0.46 -3.73 -25.16
CA MET A 142 -1.04 -3.67 -23.83
C MET A 142 -0.10 -4.31 -22.81
N GLN A 143 0.38 -5.52 -23.10
CA GLN A 143 1.35 -6.21 -22.25
C GLN A 143 2.65 -5.45 -22.08
N LYS A 144 3.16 -4.89 -23.18
CA LYS A 144 4.37 -4.08 -23.15
C LYS A 144 4.23 -2.82 -22.30
N PHE A 145 3.03 -2.24 -22.27
CA PHE A 145 2.70 -1.06 -21.44
C PHE A 145 2.50 -1.42 -19.97
N GLY A 146 2.47 -2.73 -19.68
CA GLY A 146 2.48 -3.23 -18.32
C GLY A 146 1.16 -3.75 -17.80
N TRP A 147 0.13 -3.76 -18.65
CA TRP A 147 -1.20 -4.25 -18.25
C TRP A 147 -1.20 -5.74 -18.03
N GLY A 148 -2.04 -6.21 -17.11
CA GLY A 148 -2.12 -7.64 -16.78
C GLY A 148 -0.93 -8.24 -16.02
N ALA A 149 0.04 -7.40 -15.65
CA ALA A 149 1.18 -7.84 -14.85
C ALA A 149 1.43 -6.88 -13.69
N LYS A 150 1.87 -7.44 -12.56
CA LYS A 150 2.37 -6.63 -11.44
C LYS A 150 3.52 -5.75 -11.93
N THR A 151 3.60 -4.54 -11.39
CA THR A 151 4.67 -3.63 -11.74
C THR A 151 5.97 -4.01 -11.03
N GLY A 152 5.87 -4.83 -10.00
CA GLY A 152 7.03 -5.27 -9.22
C GLY A 152 7.43 -4.36 -8.09
N ILE A 153 6.63 -3.32 -7.84
CA ILE A 153 6.77 -2.43 -6.68
C ILE A 153 6.93 -3.23 -5.38
N THR A 154 7.88 -2.83 -4.53
CA THR A 154 8.12 -3.52 -3.27
C THR A 154 7.12 -3.07 -2.21
N LEU A 155 5.86 -3.40 -2.45
CA LEU A 155 4.79 -3.13 -1.53
C LEU A 155 3.98 -4.40 -1.49
N PRO A 156 3.32 -4.66 -0.36
CA PRO A 156 2.52 -5.89 -0.29
C PRO A 156 1.23 -5.81 -1.12
N SER A 157 0.69 -6.98 -1.44
CA SER A 157 -0.64 -7.13 -2.03
C SER A 157 -0.87 -6.52 -3.43
N GLU A 158 0.17 -6.34 -4.23
CA GLU A 158 -0.05 -5.80 -5.58
C GLU A 158 -0.87 -6.76 -6.42
N GLU A 159 -1.85 -6.22 -7.12
CA GLU A 159 -2.64 -6.99 -8.06
C GLU A 159 -2.11 -6.80 -9.51
N SER A 160 -2.25 -7.85 -10.31
CA SER A 160 -1.80 -7.84 -11.70
C SER A 160 -2.80 -7.16 -12.64
N GLY A 161 -4.06 -7.09 -12.22
CA GLY A 161 -5.14 -6.58 -13.07
C GLY A 161 -5.68 -7.67 -13.99
N ILE A 162 -6.54 -7.29 -14.93
CA ILE A 162 -7.18 -8.26 -15.80
C ILE A 162 -7.02 -7.85 -17.25
N LEU A 163 -6.20 -8.61 -17.96
CA LEU A 163 -6.05 -8.48 -19.39
C LEU A 163 -6.34 -9.85 -19.96
N ARG A 164 -7.57 -10.05 -20.43
CA ARG A 164 -7.95 -11.33 -21.06
C ARG A 164 -7.18 -11.54 -22.37
N PRO A 165 -6.70 -12.79 -22.59
CA PRO A 165 -6.10 -13.19 -23.87
C PRO A 165 -6.95 -12.69 -25.04
N HIS A 166 -6.31 -12.18 -26.09
CA HIS A 166 -7.09 -11.61 -27.20
C HIS A 166 -7.92 -12.66 -27.87
N THR A 167 -7.47 -13.92 -27.81
CA THR A 167 -8.23 -15.02 -28.37
C THR A 167 -9.61 -15.13 -27.72
N GLU A 168 -9.78 -14.48 -26.57
CA GLU A 168 -11.03 -14.53 -25.85
C GLU A 168 -12.00 -13.39 -26.17
N TRP A 169 -11.53 -12.38 -26.90
CA TRP A 169 -12.34 -11.20 -27.19
C TRP A 169 -13.37 -11.49 -28.23
N GLY A 170 -14.64 -11.21 -27.94
CA GLY A 170 -15.70 -11.25 -28.95
C GLY A 170 -15.77 -9.95 -29.72
N ASP A 171 -16.89 -9.75 -30.44
CA ASP A 171 -17.08 -8.57 -31.27
C ASP A 171 -17.08 -7.26 -30.47
N ARG A 172 -17.70 -7.29 -29.29
CA ARG A 172 -17.79 -6.12 -28.42
C ARG A 172 -16.44 -5.79 -27.77
N ASP A 173 -15.74 -6.82 -27.30
CA ASP A 173 -14.44 -6.66 -26.68
C ASP A 173 -13.41 -6.10 -27.64
N HIS A 174 -13.50 -6.53 -28.89
CA HIS A 174 -12.65 -6.01 -29.94
C HIS A 174 -12.58 -4.52 -29.91
N TYR A 175 -13.72 -3.86 -29.71
CA TYR A 175 -13.77 -2.40 -29.67
C TYR A 175 -13.60 -1.79 -28.27
N THR A 176 -14.24 -2.35 -27.26
CA THR A 176 -14.18 -1.76 -25.90
C THR A 176 -12.76 -1.74 -25.33
N THR A 177 -11.96 -2.76 -25.61
CA THR A 177 -10.55 -2.78 -25.20
C THR A 177 -9.69 -1.69 -25.88
N MET A 178 -10.25 -1.03 -26.88
CA MET A 178 -9.58 0.09 -27.53
C MET A 178 -9.78 1.39 -26.75
N PHE A 179 -10.80 1.44 -25.90
CA PHE A 179 -10.97 2.59 -25.03
C PHE A 179 -11.09 2.23 -23.54
N GLY A 180 -10.27 1.28 -23.10
CA GLY A 180 -10.08 1.02 -21.67
C GLY A 180 -11.27 0.37 -20.99
N GLN A 181 -12.04 -0.36 -21.75
CA GLN A 181 -13.08 -1.18 -21.14
C GLN A 181 -12.80 -2.63 -21.46
N GLY A 182 -13.30 -3.54 -20.63
CA GLY A 182 -13.01 -4.96 -20.82
C GLY A 182 -11.60 -5.33 -20.38
N VAL A 183 -10.95 -4.37 -19.71
CA VAL A 183 -9.67 -4.58 -19.04
C VAL A 183 -9.76 -3.95 -17.64
N ALA A 184 -8.94 -4.43 -16.72
CA ALA A 184 -8.88 -3.87 -15.37
C ALA A 184 -7.44 -3.57 -15.04
N VAL A 185 -7.26 -2.41 -14.43
CA VAL A 185 -5.95 -1.82 -14.18
C VAL A 185 -5.87 -1.32 -12.72
N THR A 186 -4.64 -1.16 -12.21
CA THR A 186 -4.36 -0.50 -10.94
C THR A 186 -3.85 0.89 -11.23
N THR A 187 -3.79 1.73 -10.21
CA THR A 187 -3.38 3.12 -10.38
C THR A 187 -1.90 3.17 -10.70
N ILE A 188 -1.11 2.33 -10.05
CA ILE A 188 0.32 2.27 -10.29
C ILE A 188 0.60 1.86 -11.75
N GLN A 189 -0.18 0.93 -12.30
CA GLN A 189 -0.04 0.56 -13.73
C GLN A 189 -0.36 1.74 -14.64
N LEU A 190 -1.36 2.54 -14.28
CA LEU A 190 -1.71 3.71 -15.09
C LEU A 190 -0.59 4.72 -15.16
N ALA A 191 0.11 4.90 -14.04
CA ALA A 191 1.19 5.90 -13.96
C ALA A 191 2.43 5.45 -14.71
N GLN A 192 2.78 4.17 -14.51
CA GLN A 192 3.83 3.49 -15.26
C GLN A 192 3.61 3.58 -16.77
N MET A 193 2.36 3.35 -17.20
CA MET A 193 1.98 3.38 -18.61
C MET A 193 2.14 4.76 -19.24
N VAL A 194 1.64 5.79 -18.57
CA VAL A 194 1.69 7.16 -19.13
C VAL A 194 3.11 7.72 -19.13
N ALA A 195 3.93 7.24 -18.20
CA ALA A 195 5.32 7.71 -18.10
C ALA A 195 6.13 7.37 -19.34
N VAL A 196 5.75 6.28 -20.02
CA VAL A 196 6.39 5.85 -21.28
C VAL A 196 6.54 7.01 -22.28
N PHE A 197 5.51 7.82 -22.41
CA PHE A 197 5.51 8.92 -23.38
C PHE A 197 6.43 10.10 -23.06
N GLY A 198 6.81 10.22 -21.78
CA GLY A 198 7.76 11.25 -21.36
C GLY A 198 9.15 10.68 -21.22
N GLN A 199 9.29 9.38 -21.50
CA GLN A 199 10.56 8.65 -21.34
C GLN A 199 11.09 8.03 -22.65
N LYS A 200 10.79 8.68 -23.79
CA LYS A 200 11.24 8.22 -25.13
C LYS A 200 10.80 6.80 -25.48
N GLY A 201 9.64 6.40 -24.97
CA GLY A 201 9.07 5.09 -25.31
C GLY A 201 9.50 3.96 -24.41
N VAL A 202 10.21 4.28 -23.33
CA VAL A 202 10.73 3.29 -22.39
C VAL A 202 9.84 3.21 -21.15
N LEU A 203 9.50 1.98 -20.75
CA LEU A 203 8.84 1.72 -19.48
C LEU A 203 9.91 1.47 -18.42
N ILE A 204 9.76 2.16 -17.29
CA ILE A 204 10.72 2.07 -16.19
C ILE A 204 9.96 1.57 -14.96
N PRO A 205 10.31 0.38 -14.46
CA PRO A 205 9.50 -0.19 -13.39
C PRO A 205 9.55 0.70 -12.14
N PRO A 206 8.39 0.93 -11.49
CA PRO A 206 8.34 1.89 -10.39
C PRO A 206 9.03 1.40 -9.11
N ARG A 207 9.58 2.34 -8.36
CA ARG A 207 10.35 2.06 -7.15
C ARG A 207 9.90 2.99 -6.04
N ILE A 208 9.67 2.44 -4.86
CA ILE A 208 9.39 3.24 -3.65
C ILE A 208 10.61 3.33 -2.72
N ILE A 209 11.54 2.40 -2.85
CA ILE A 209 12.78 2.44 -2.07
C ILE A 209 13.95 2.88 -2.95
N ASP A 210 14.67 3.90 -2.50
CA ASP A 210 15.80 4.46 -3.22
C ASP A 210 16.97 3.51 -3.34
N GLY A 211 17.16 2.69 -2.33
CA GLY A 211 18.40 1.95 -2.22
C GLY A 211 19.34 2.75 -1.35
N TYR A 212 20.35 2.08 -0.81
CA TYR A 212 21.12 2.59 0.31
C TYR A 212 22.57 2.86 -0.07
N GLY A 225 14.82 -4.95 -11.68
CA GLY A 225 13.86 -4.81 -12.79
C GLY A 225 14.41 -4.06 -14.00
N GLU A 226 14.27 -4.68 -15.17
CA GLU A 226 14.74 -4.07 -16.42
C GLU A 226 13.72 -3.11 -17.02
N SER A 227 14.21 -1.98 -17.53
CA SER A 227 13.34 -1.14 -18.32
C SER A 227 13.24 -1.69 -19.73
N ARG A 228 12.21 -1.30 -20.47
CA ARG A 228 11.97 -1.85 -21.79
C ARG A 228 11.43 -0.82 -22.76
N GLN A 229 11.79 -0.98 -24.02
CA GLN A 229 11.30 -0.15 -25.12
C GLN A 229 9.92 -0.64 -25.55
N VAL A 230 8.90 0.19 -25.33
CA VAL A 230 7.52 -0.17 -25.61
C VAL A 230 7.13 0.34 -27.01
N VAL A 231 7.48 1.59 -27.29
CA VAL A 231 7.27 2.21 -28.59
C VAL A 231 8.57 2.94 -28.95
N SER A 232 8.73 3.35 -30.21
CA SER A 232 9.91 4.13 -30.59
C SER A 232 9.91 5.49 -29.93
N GLU A 233 11.09 6.11 -29.93
CA GLU A 233 11.25 7.47 -29.47
C GLU A 233 10.34 8.42 -30.24
N ASP A 234 10.16 8.14 -31.53
CA ASP A 234 9.32 8.97 -32.39
C ASP A 234 7.85 8.83 -32.05
N THR A 235 7.40 7.60 -31.84
CA THR A 235 6.02 7.36 -31.42
C THR A 235 5.73 8.06 -30.10
N ALA A 236 6.65 7.90 -29.15
CA ALA A 236 6.54 8.54 -27.83
C ALA A 236 6.37 10.06 -27.93
N GLN A 237 7.24 10.71 -28.69
CA GLN A 237 7.12 12.14 -28.96
C GLN A 237 5.81 12.55 -29.61
N THR A 238 5.33 11.81 -30.61
CA THR A 238 4.09 12.27 -31.26
C THR A 238 2.87 12.09 -30.35
N VAL A 239 2.85 11.02 -29.54
CA VAL A 239 1.78 10.83 -28.57
C VAL A 239 1.81 11.93 -27.49
N LEU A 240 3.02 12.25 -27.02
CA LEU A 240 3.23 13.36 -26.10
C LEU A 240 2.74 14.68 -26.71
N ASN A 241 2.98 14.87 -28.01
CA ASN A 241 2.43 16.06 -28.71
C ASN A 241 0.93 15.99 -28.76
N ILE A 242 0.39 14.81 -29.09
CA ILE A 242 -1.07 14.65 -29.21
C ILE A 242 -1.78 14.94 -27.87
N MET A 243 -1.21 14.41 -26.77
CA MET A 243 -1.79 14.60 -25.42
C MET A 243 -1.89 16.07 -24.98
N GLN A 244 -1.10 16.95 -25.58
CA GLN A 244 -1.21 18.40 -25.33
C GLN A 244 -2.49 19.03 -25.87
N GLY A 245 -3.25 18.30 -26.70
CA GLY A 245 -4.59 18.74 -27.11
C GLY A 245 -5.63 18.80 -26.01
N ALA A 246 -5.39 18.08 -24.92
CA ALA A 246 -6.35 17.92 -23.82
C ALA A 246 -6.82 19.24 -23.19
N THR A 247 -5.88 20.17 -22.97
CA THR A 247 -6.27 21.47 -22.39
C THR A 247 -6.44 22.61 -23.42
N GLN A 248 -6.32 22.31 -24.71
CA GLN A 248 -6.60 23.28 -25.78
C GLN A 248 -8.11 23.43 -25.86
N PRO A 249 -8.62 24.55 -26.43
CA PRO A 249 -10.10 24.67 -26.59
C PRO A 249 -10.74 23.47 -27.32
N GLY A 250 -11.81 22.93 -26.75
CA GLY A 250 -12.39 21.68 -27.24
C GLY A 250 -11.81 20.40 -26.65
N GLY A 251 -10.60 20.46 -26.09
CA GLY A 251 -10.05 19.28 -25.41
C GLY A 251 -10.86 18.89 -24.17
N THR A 252 -10.82 17.61 -23.80
CA THR A 252 -11.64 17.10 -22.70
C THR A 252 -11.25 17.65 -21.32
N ALA A 253 -10.03 18.20 -21.20
CA ALA A 253 -9.54 18.73 -19.93
C ALA A 253 -9.35 20.26 -19.97
N GLU A 254 -10.03 20.92 -20.91
CA GLU A 254 -9.92 22.38 -21.04
C GLU A 254 -10.39 23.10 -19.78
N GLY A 255 -9.56 23.99 -19.28
CA GLY A 255 -9.81 24.74 -18.04
C GLY A 255 -9.54 23.95 -16.77
N ILE A 256 -10.30 22.88 -16.59
CA ILE A 256 -10.24 22.02 -15.41
C ILE A 256 -8.89 21.29 -15.18
N GLY A 257 -8.12 21.06 -16.24
CA GLY A 257 -6.84 20.37 -16.10
C GLY A 257 -5.64 21.27 -16.31
N ALA A 258 -5.88 22.56 -16.49
CA ALA A 258 -4.79 23.50 -16.74
C ALA A 258 -4.00 23.80 -15.46
N VAL A 259 -2.68 23.86 -15.62
CA VAL A 259 -1.78 24.19 -14.54
C VAL A 259 -1.10 25.49 -14.95
N LYS A 260 -1.51 26.57 -14.31
CA LYS A 260 -1.11 27.93 -14.67
C LYS A 260 0.39 28.05 -14.92
N GLY A 261 0.74 28.39 -16.17
CA GLY A 261 2.11 28.61 -16.54
C GLY A 261 2.91 27.41 -17.04
N TYR A 262 2.31 26.22 -17.01
CA TYR A 262 2.98 24.99 -17.47
C TYR A 262 2.17 24.25 -18.52
N ASN A 263 2.85 23.75 -19.55
CA ASN A 263 2.22 22.93 -20.57
C ASN A 263 1.86 21.56 -20.05
N VAL A 264 0.60 21.19 -20.18
CA VAL A 264 0.08 19.91 -19.69
C VAL A 264 -0.22 18.95 -20.86
N ALA A 265 0.22 17.71 -20.74
CA ALA A 265 -0.20 16.65 -21.63
C ALA A 265 -1.04 15.72 -20.78
N ALA A 266 -2.24 15.42 -21.22
CA ALA A 266 -3.15 14.69 -20.35
C ALA A 266 -4.12 13.83 -21.14
N LYS A 267 -4.68 12.83 -20.45
CA LYS A 267 -5.82 12.07 -20.97
C LYS A 267 -6.82 11.79 -19.84
N THR A 268 -8.11 11.96 -20.15
CA THR A 268 -9.21 11.71 -19.23
C THR A 268 -9.92 10.40 -19.57
N GLY A 269 -10.56 9.82 -18.56
CA GLY A 269 -11.39 8.65 -18.78
C GLY A 269 -12.48 8.56 -17.74
N THR A 270 -13.55 7.86 -18.10
CA THR A 270 -14.60 7.43 -17.18
C THR A 270 -15.09 6.07 -17.66
N ALA A 271 -15.31 5.14 -16.73
CA ALA A 271 -15.77 3.81 -17.12
C ALA A 271 -16.70 3.25 -16.10
N GLU A 272 -17.76 2.60 -16.56
CA GLU A 272 -18.67 1.89 -15.68
C GLU A 272 -17.96 0.67 -15.10
N ASN A 273 -18.19 0.43 -13.82
CA ASN A 273 -17.56 -0.70 -13.15
C ASN A 273 -18.62 -1.51 -12.43
N VAL A 274 -18.30 -2.74 -12.04
CA VAL A 274 -19.26 -3.61 -11.37
C VAL A 274 -19.35 -3.31 -9.88
N GLY A 275 -20.56 -2.98 -9.44
CA GLY A 275 -20.82 -2.81 -8.01
C GLY A 275 -21.03 -4.14 -7.30
N SER A 276 -21.15 -4.09 -5.98
CA SER A 276 -21.39 -5.27 -5.15
C SER A 276 -22.73 -5.92 -5.54
N SER A 277 -23.68 -5.09 -5.95
CA SER A 277 -24.93 -5.53 -6.54
C SER A 277 -24.73 -6.57 -7.64
N GLY A 278 -23.56 -6.56 -8.28
CA GLY A 278 -23.27 -7.44 -9.41
C GLY A 278 -23.49 -6.79 -10.76
N SER A 279 -24.18 -5.64 -10.75
CA SER A 279 -24.47 -4.86 -11.96
C SER A 279 -23.48 -3.72 -12.17
N LEU A 280 -23.53 -3.12 -13.36
CA LEU A 280 -22.63 -2.01 -13.73
C LEU A 280 -23.14 -0.69 -13.19
N THR A 281 -23.05 -0.54 -11.87
CA THR A 281 -23.58 0.62 -11.15
C THR A 281 -22.53 1.67 -10.78
N ASP A 282 -21.26 1.30 -10.76
CA ASP A 282 -20.18 2.19 -10.33
C ASP A 282 -19.47 2.85 -11.49
N THR A 283 -18.78 3.95 -11.21
CA THR A 283 -17.84 4.52 -12.19
C THR A 283 -16.49 4.89 -11.57
N ALA A 284 -15.43 4.69 -12.34
CA ALA A 284 -14.10 5.17 -12.01
C ALA A 284 -13.77 6.34 -12.94
N ALA A 285 -13.37 7.48 -12.37
CA ALA A 285 -12.98 8.65 -13.16
C ALA A 285 -11.47 8.72 -13.12
N THR A 286 -10.83 8.67 -14.28
CA THR A 286 -9.36 8.58 -14.34
C THR A 286 -8.75 9.78 -15.06
N PHE A 287 -7.50 10.08 -14.73
CA PHE A 287 -6.75 11.15 -15.34
C PHE A 287 -5.28 10.74 -15.31
N THR A 288 -4.63 10.76 -16.47
CA THR A 288 -3.18 10.47 -16.56
C THR A 288 -2.52 11.65 -17.25
N ALA A 289 -1.48 12.22 -16.64
CA ALA A 289 -0.87 13.39 -17.21
C ALA A 289 0.65 13.43 -17.10
N LEU A 290 1.27 14.32 -17.89
CA LEU A 290 2.72 14.49 -17.93
C LEU A 290 2.96 15.99 -17.92
N ILE A 291 3.88 16.46 -17.09
CA ILE A 291 4.10 17.89 -16.99
C ILE A 291 5.54 18.16 -16.60
N PRO A 292 6.15 19.25 -17.13
CA PRO A 292 5.66 20.09 -18.22
C PRO A 292 5.78 19.34 -19.54
N ALA A 293 4.81 19.52 -20.42
CA ALA A 293 4.69 18.64 -21.58
C ALA A 293 5.89 18.70 -22.53
N GLU A 294 6.55 19.84 -22.61
CA GLU A 294 7.77 20.01 -23.44
C GLU A 294 8.96 19.20 -22.92
N ASN A 295 9.00 18.94 -21.61
CA ASN A 295 10.09 18.15 -21.07
C ASN A 295 9.66 17.52 -19.74
N PRO A 296 8.80 16.47 -19.80
CA PRO A 296 8.10 16.04 -18.60
C PRO A 296 9.02 15.71 -17.44
N LYS A 297 8.62 16.14 -16.24
CA LYS A 297 9.37 15.79 -15.03
C LYS A 297 8.64 14.79 -14.16
N ILE A 298 7.31 14.78 -14.24
CA ILE A 298 6.51 13.85 -13.48
C ILE A 298 5.40 13.29 -14.34
N ALA A 299 4.97 12.07 -14.00
CA ALA A 299 3.83 11.39 -14.56
C ALA A 299 2.85 11.20 -13.42
N VAL A 300 1.58 11.55 -13.64
CA VAL A 300 0.59 11.48 -12.58
C VAL A 300 -0.59 10.64 -13.07
N ALA A 301 -1.06 9.72 -12.21
CA ALA A 301 -2.31 9.02 -12.45
C ALA A 301 -3.19 9.20 -11.21
N VAL A 302 -4.46 9.54 -11.46
CA VAL A 302 -5.43 9.76 -10.42
C VAL A 302 -6.69 8.98 -10.80
N VAL A 303 -7.31 8.30 -9.84
CA VAL A 303 -8.63 7.70 -10.01
C VAL A 303 -9.54 8.08 -8.85
N ILE A 304 -10.79 8.40 -9.16
CA ILE A 304 -11.82 8.53 -8.14
C ILE A 304 -12.93 7.52 -8.44
N TYR A 305 -13.32 6.75 -7.43
CA TYR A 305 -14.29 5.69 -7.61
C TYR A 305 -15.64 6.03 -6.92
N LYS A 306 -16.74 5.92 -7.66
CA LYS A 306 -18.07 6.23 -7.13
C LYS A 306 -18.97 5.02 -7.26
N GLU A 307 -19.72 4.73 -6.18
CA GLU A 307 -20.49 3.49 -6.09
C GLU A 307 -21.84 3.43 -6.81
N ASN A 308 -22.68 4.44 -6.68
CA ASN A 308 -23.94 4.40 -7.42
C ASN A 308 -24.15 5.73 -8.07
N GLY A 309 -23.34 6.00 -9.09
CA GLY A 309 -23.30 7.32 -9.69
C GLY A 309 -22.20 7.39 -10.71
N THR A 310 -22.13 8.51 -11.44
CA THR A 310 -21.08 8.68 -12.42
C THR A 310 -20.15 9.82 -12.02
N VAL A 311 -18.86 9.55 -12.14
CA VAL A 311 -17.83 10.57 -12.01
C VAL A 311 -17.12 10.66 -13.35
N TYR A 312 -16.71 11.87 -13.73
CA TYR A 312 -15.96 12.06 -14.96
C TYR A 312 -14.51 12.32 -14.66
N GLY A 313 -13.64 11.77 -15.49
CA GLY A 313 -12.21 12.02 -15.39
C GLY A 313 -11.89 13.49 -15.27
N SER A 314 -12.49 14.32 -16.11
CA SER A 314 -12.17 15.73 -16.13
C SER A 314 -12.63 16.48 -14.89
N THR A 315 -13.86 16.26 -14.47
CA THR A 315 -14.41 17.05 -13.37
C THR A 315 -14.05 16.52 -11.98
N ALA A 316 -13.93 15.19 -11.84
CA ALA A 316 -13.55 14.59 -10.57
C ALA A 316 -12.03 14.55 -10.32
N SER A 317 -11.26 14.02 -11.27
CA SER A 317 -9.83 13.70 -11.08
C SER A 317 -8.82 14.77 -11.50
N ALA A 318 -9.12 15.53 -12.54
CA ALA A 318 -8.22 16.58 -13.01
C ALA A 318 -7.82 17.59 -11.94
N PRO A 319 -8.78 18.03 -11.07
CA PRO A 319 -8.41 19.00 -10.00
C PRO A 319 -7.38 18.47 -9.00
N VAL A 320 -7.41 17.16 -8.77
CA VAL A 320 -6.43 16.49 -7.97
C VAL A 320 -5.05 16.56 -8.64
N PHE A 321 -5.00 16.31 -9.95
CA PHE A 321 -3.77 16.48 -10.71
C PHE A 321 -3.27 17.91 -10.58
N VAL A 322 -4.17 18.87 -10.77
CA VAL A 322 -3.81 20.29 -10.79
C VAL A 322 -3.13 20.71 -9.48
N ASP A 323 -3.74 20.35 -8.33
CA ASP A 323 -3.16 20.63 -7.00
C ASP A 323 -1.78 20.04 -6.82
N ILE A 324 -1.64 18.76 -7.15
CA ILE A 324 -0.36 18.06 -7.07
C ILE A 324 0.71 18.67 -7.97
N ALA A 325 0.36 18.94 -9.23
CA ALA A 325 1.27 19.48 -10.25
C ALA A 325 1.76 20.89 -9.91
N GLN A 326 0.84 21.74 -9.46
CA GLN A 326 1.21 23.09 -9.04
C GLN A 326 2.24 23.08 -7.91
N PHE A 327 2.08 22.19 -6.93
CA PHE A 327 3.06 22.09 -5.87
C PHE A 327 4.37 21.47 -6.38
N ALA A 328 4.27 20.37 -7.12
CA ALA A 328 5.46 19.69 -7.66
C ALA A 328 6.36 20.61 -8.49
N MET A 329 5.76 21.47 -9.31
CA MET A 329 6.54 22.39 -10.12
C MET A 329 7.35 23.37 -9.25
N ARG A 330 6.76 23.82 -8.14
CA ARG A 330 7.46 24.65 -7.12
C ARG A 330 8.52 23.87 -6.40
N GLU A 331 8.12 22.74 -5.82
CA GLU A 331 9.01 21.91 -5.04
C GLU A 331 10.27 21.53 -5.84
N MET A 332 10.09 21.23 -7.13
CA MET A 332 11.19 20.80 -8.00
C MET A 332 11.89 21.97 -8.70
N LYS A 333 11.42 23.18 -8.45
CA LYS A 333 11.99 24.41 -9.01
C LYS A 333 12.04 24.42 -10.54
N ILE A 334 10.94 24.02 -11.16
CA ILE A 334 10.80 24.04 -12.61
C ILE A 334 10.18 25.37 -13.05
N PRO A 335 10.89 26.14 -13.90
CA PRO A 335 10.40 27.44 -14.40
C PRO A 335 9.22 27.28 -15.34
N PRO A 336 8.34 28.29 -15.40
CA PRO A 336 7.19 28.15 -16.28
C PRO A 336 7.58 27.89 -17.75
N SER A 337 6.67 27.29 -18.51
CA SER A 337 6.95 26.87 -19.88
C SER A 337 7.30 28.05 -20.74
N THR A 338 8.31 27.90 -21.60
CA THR A 338 8.73 28.97 -22.49
C THR A 338 8.41 28.70 -23.97
N VAL A 339 7.88 27.52 -24.26
CA VAL A 339 7.42 27.20 -25.61
C VAL A 339 5.90 27.01 -25.60
N PRO A 340 5.26 27.18 -26.77
CA PRO A 340 3.81 27.01 -26.82
C PRO A 340 3.35 25.57 -26.52
N LEU A 341 2.13 25.43 -26.02
CA LEU A 341 1.50 24.13 -25.91
C LEU A 341 1.39 23.58 -27.33
N TYR A 342 1.83 22.35 -27.55
CA TYR A 342 1.80 21.77 -28.91
C TYR A 342 0.37 21.68 -29.48
N LYS A 343 0.21 22.02 -30.76
CA LYS A 343 -1.08 21.87 -31.45
C LYS A 343 -0.91 21.30 -32.86
N TYR A 344 -1.56 20.18 -33.13
CA TYR A 344 -1.68 19.67 -34.48
C TYR A 344 -2.94 20.31 -35.04
N PRO A 345 -3.07 20.38 -36.38
CA PRO A 345 -4.36 20.71 -36.98
C PRO A 345 -5.41 19.65 -36.62
N TRP A 346 -6.64 20.09 -36.38
CA TRP A 346 -7.74 19.18 -36.13
C TRP A 346 -8.68 19.24 -37.29
N GLN B 5 30.86 3.52 32.91
CA GLN B 5 30.28 4.89 33.14
C GLN B 5 28.83 5.03 32.70
N ASP B 6 28.51 4.61 31.47
CA ASP B 6 27.13 4.61 30.98
C ASP B 6 26.39 3.43 31.59
N PRO B 7 25.40 3.70 32.47
CA PRO B 7 24.67 2.62 33.14
C PRO B 7 23.57 1.97 32.28
N LEU B 8 23.22 2.62 31.16
CA LEU B 8 22.08 2.21 30.33
C LEU B 8 22.42 1.12 29.31
N THR B 9 21.43 0.30 28.99
CA THR B 9 21.53 -0.75 27.98
C THR B 9 21.47 -0.22 26.55
N ILE B 10 20.96 1.01 26.40
CA ILE B 10 20.76 1.66 25.10
C ILE B 10 22.04 1.72 24.26
N ASN B 11 21.91 1.38 22.98
CA ASN B 11 22.99 1.58 22.02
C ASN B 11 22.82 2.92 21.31
N ALA B 12 23.74 3.86 21.55
CA ALA B 12 23.57 5.27 21.14
C ALA B 12 23.34 5.45 19.64
N ASP B 13 24.10 4.71 18.82
CA ASP B 13 23.97 4.75 17.35
C ASP B 13 22.63 4.21 16.86
N LEU B 14 22.21 3.06 17.38
CA LEU B 14 20.92 2.49 17.05
C LEU B 14 19.76 3.38 17.52
N GLN B 15 19.90 3.99 18.70
CA GLN B 15 18.91 4.92 19.24
C GLN B 15 18.67 6.09 18.28
N ARG B 16 19.77 6.65 17.77
CA ARG B 16 19.76 7.73 16.77
C ARG B 16 19.02 7.36 15.48
N VAL B 17 19.27 6.14 14.98
CA VAL B 17 18.63 5.61 13.78
C VAL B 17 17.13 5.45 13.99
N ALA B 18 16.76 4.81 15.10
CA ALA B 18 15.36 4.60 15.44
C ALA B 18 14.60 5.92 15.57
N GLU B 19 15.25 6.92 16.16
CA GLU B 19 14.63 8.23 16.36
C GLU B 19 14.38 8.91 15.02
N GLU B 20 15.42 8.95 14.20
CA GLU B 20 15.36 9.60 12.89
C GLU B 20 14.36 8.92 11.96
N SER B 21 14.41 7.59 11.95
CA SER B 21 13.52 6.79 11.13
C SER B 21 12.06 6.98 11.51
N LEU B 22 11.78 6.96 12.81
CA LEU B 22 10.46 7.30 13.34
C LEU B 22 9.99 8.68 12.92
N ASN B 23 10.89 9.67 12.98
CA ASN B 23 10.57 11.04 12.60
C ASN B 23 10.24 11.16 11.11
N ALA B 24 11.04 10.50 10.27
CA ALA B 24 10.76 10.41 8.85
C ALA B 24 9.38 9.81 8.60
N ALA B 25 9.09 8.66 9.22
CA ALA B 25 7.81 7.97 9.00
C ALA B 25 6.61 8.80 9.42
N VAL B 26 6.72 9.45 10.58
CA VAL B 26 5.64 10.30 11.09
C VAL B 26 5.31 11.43 10.08
N LYS B 27 6.37 12.03 9.54
CA LYS B 27 6.25 13.14 8.60
C LYS B 27 5.67 12.68 7.25
N ARG B 28 6.24 11.62 6.71
CA ARG B 28 5.80 11.01 5.46
C ARG B 28 4.29 10.67 5.44
N VAL B 29 3.77 10.15 6.54
CA VAL B 29 2.39 9.67 6.58
C VAL B 29 1.44 10.65 7.25
N GLY B 30 1.98 11.81 7.62
CA GLY B 30 1.22 12.84 8.34
C GLY B 30 0.68 12.42 9.70
N GLY B 31 1.48 11.65 10.46
CA GLY B 31 1.06 11.19 11.79
C GLY B 31 1.34 12.24 12.85
N VAL B 32 0.85 12.02 14.08
CA VAL B 32 1.18 12.90 15.23
C VAL B 32 2.43 12.45 15.99
N TRP B 33 2.56 11.15 16.23
CA TRP B 33 3.73 10.63 16.95
C TRP B 33 4.01 9.19 16.57
N GLY B 34 5.17 8.70 16.98
CA GLY B 34 5.51 7.30 16.79
C GLY B 34 6.29 6.79 17.98
N SER B 35 6.42 5.46 18.07
CA SER B 35 7.28 4.86 19.08
C SER B 35 7.96 3.57 18.57
N ALA B 36 9.17 3.30 19.05
CA ALA B 36 9.88 2.06 18.72
C ALA B 36 10.68 1.51 19.92
N ALA B 37 10.58 0.20 20.11
CA ALA B 37 11.33 -0.49 21.15
C ALA B 37 12.10 -1.64 20.55
N VAL B 38 13.40 -1.69 20.81
CA VAL B 38 14.28 -2.75 20.35
C VAL B 38 14.86 -3.53 21.54
N LEU B 39 14.46 -4.79 21.69
CA LEU B 39 14.95 -5.65 22.78
C LEU B 39 16.00 -6.63 22.31
N GLU B 40 17.05 -6.83 23.10
CA GLU B 40 18.01 -7.86 22.78
C GLU B 40 17.39 -9.19 23.19
N ILE B 41 17.32 -10.13 22.26
CA ILE B 41 16.71 -11.43 22.54
C ILE B 41 17.43 -12.11 23.69
N GLY B 42 16.64 -12.68 24.61
CA GLY B 42 17.20 -13.50 25.68
C GLY B 42 17.79 -12.76 26.87
N THR B 43 17.97 -11.45 26.75
CA THR B 43 18.50 -10.69 27.88
C THR B 43 17.53 -9.67 28.47
N GLY B 44 16.49 -9.30 27.73
CA GLY B 44 15.59 -8.24 28.15
C GLY B 44 16.18 -6.84 28.02
N ARG B 45 17.41 -6.71 27.53
CA ARG B 45 18.03 -5.38 27.45
C ARG B 45 17.49 -4.53 26.29
N LEU B 46 17.20 -3.26 26.57
CA LEU B 46 16.69 -2.35 25.56
C LEU B 46 17.84 -1.70 24.85
N LEU B 47 18.02 -2.05 23.59
CA LEU B 47 19.07 -1.46 22.77
C LEU B 47 18.65 -0.09 22.22
N ALA B 48 17.34 0.11 22.05
CA ALA B 48 16.81 1.38 21.62
C ALA B 48 15.41 1.51 22.14
N LEU B 49 15.03 2.73 22.47
CA LEU B 49 13.68 3.01 22.87
C LEU B 49 13.41 4.43 22.42
N ALA B 50 12.54 4.61 21.46
CA ALA B 50 12.27 5.92 20.95
C ALA B 50 10.81 6.22 20.99
N PRO B 51 10.44 7.50 20.92
CA PRO B 51 11.36 8.63 21.01
C PRO B 51 11.75 8.86 22.46
N GLY B 52 12.71 9.73 22.70
CA GLY B 52 13.01 10.14 24.06
C GLY B 52 11.69 10.38 24.77
N GLY B 53 11.72 10.46 26.09
CA GLY B 53 10.51 10.64 26.86
C GLY B 53 9.81 9.32 27.15
N THR B 54 8.67 9.40 27.84
CA THR B 54 7.94 8.22 28.28
C THR B 54 6.90 7.70 27.28
N ARG B 55 6.74 8.39 26.16
CA ARG B 55 5.67 8.08 25.23
C ARG B 55 5.63 6.58 24.93
N SER B 56 6.80 5.97 24.80
CA SER B 56 6.89 4.53 24.50
C SER B 56 6.27 3.69 25.62
N VAL B 57 6.51 4.06 26.86
CA VAL B 57 5.95 3.34 28.01
C VAL B 57 4.61 3.88 28.51
N SER B 58 4.25 5.12 28.14
CA SER B 58 3.03 5.75 28.66
C SER B 58 1.86 5.81 27.67
N ALA B 59 2.16 5.95 26.37
CA ALA B 59 1.12 5.99 25.34
C ALA B 59 0.49 4.62 25.19
N ILE B 60 -0.82 4.54 25.42
CA ILE B 60 -1.52 3.27 25.22
C ILE B 60 -2.39 3.38 23.95
N TYR B 61 -2.69 2.24 23.31
CA TYR B 61 -3.44 2.24 22.05
C TYR B 61 -3.90 0.84 21.71
N GLU B 62 -4.97 0.73 20.93
CA GLU B 62 -5.38 -0.55 20.37
C GLU B 62 -4.39 -0.88 19.25
N PRO B 63 -3.72 -2.05 19.34
CA PRO B 63 -2.61 -2.37 18.45
C PRO B 63 -3.00 -3.02 17.12
N GLY B 64 -4.23 -3.53 17.01
CA GLY B 64 -4.68 -4.21 15.81
C GLY B 64 -4.05 -5.58 15.70
N SER B 65 -3.84 -6.04 14.48
CA SER B 65 -3.56 -7.46 14.23
C SER B 65 -2.22 -8.03 14.70
N VAL B 66 -1.32 -7.20 15.21
CA VAL B 66 -0.19 -7.75 15.96
C VAL B 66 -0.76 -8.60 17.12
N GLY B 67 -1.95 -8.22 17.61
CA GLY B 67 -2.67 -9.00 18.61
C GLY B 67 -3.05 -10.42 18.24
N LYS B 68 -3.11 -10.72 16.93
CA LYS B 68 -3.40 -12.07 16.42
C LYS B 68 -2.41 -13.12 16.91
N LEU B 69 -1.19 -12.72 17.24
CA LEU B 69 -0.16 -13.64 17.69
C LEU B 69 -0.52 -14.32 19.01
N VAL B 70 -1.23 -13.61 19.87
CA VAL B 70 -1.68 -14.12 21.16
C VAL B 70 -2.72 -15.19 20.92
N THR B 71 -3.71 -14.88 20.08
CA THR B 71 -4.76 -15.82 19.69
C THR B 71 -4.16 -17.07 19.06
N LEU B 72 -3.23 -16.87 18.13
CA LEU B 72 -2.52 -17.95 17.47
C LEU B 72 -1.77 -18.82 18.48
N ALA B 73 -0.92 -18.18 19.29
CA ALA B 73 -0.13 -18.88 20.30
C ALA B 73 -1.02 -19.72 21.24
N ALA B 74 -2.15 -19.14 21.64
CA ALA B 74 -3.12 -19.81 22.48
C ALA B 74 -3.60 -21.13 21.85
N ALA B 75 -4.19 -21.05 20.65
CA ALA B 75 -4.69 -22.23 19.94
C ALA B 75 -3.61 -23.30 19.74
N ILE B 76 -2.44 -22.87 19.29
CA ILE B 76 -1.34 -23.78 19.07
C ILE B 76 -0.85 -24.43 20.36
N ASP B 77 -0.76 -23.64 21.43
CA ASP B 77 -0.26 -24.14 22.71
C ASP B 77 -1.24 -25.15 23.33
N GLN B 78 -2.53 -24.85 23.22
CA GLN B 78 -3.59 -25.72 23.69
C GLN B 78 -3.84 -26.90 22.76
N LYS B 79 -3.10 -26.92 21.65
CA LYS B 79 -3.12 -28.01 20.66
C LYS B 79 -4.47 -28.19 19.97
N LYS B 80 -5.18 -27.06 19.81
CA LYS B 80 -6.47 -27.01 19.15
C LYS B 80 -6.33 -26.79 17.64
N VAL B 81 -5.11 -26.47 17.22
CA VAL B 81 -4.82 -26.11 15.84
C VAL B 81 -3.36 -26.45 15.54
N THR B 82 -3.06 -26.74 14.28
CA THR B 82 -1.66 -26.78 13.82
C THR B 82 -1.48 -25.78 12.65
N PRO B 83 -0.23 -25.50 12.25
CA PRO B 83 -0.03 -24.50 11.20
C PRO B 83 -0.73 -24.89 9.91
N THR B 84 -0.95 -26.20 9.70
CA THR B 84 -1.56 -26.70 8.48
C THR B 84 -3.04 -27.02 8.59
N SER B 85 -3.63 -26.72 9.75
CA SER B 85 -5.08 -26.85 9.93
C SER B 85 -5.73 -25.82 9.02
N THR B 86 -6.81 -26.22 8.34
CA THR B 86 -7.45 -25.37 7.33
C THR B 86 -8.81 -24.83 7.77
N PHE B 87 -9.09 -23.59 7.37
CA PHE B 87 -10.34 -22.93 7.68
C PHE B 87 -10.79 -22.18 6.44
N THR B 88 -12.10 -21.96 6.33
CA THR B 88 -12.64 -21.21 5.21
C THR B 88 -12.52 -19.72 5.45
N VAL B 89 -11.75 -19.06 4.60
CA VAL B 89 -11.66 -17.59 4.64
C VAL B 89 -12.59 -17.02 3.58
N SER B 90 -13.18 -15.87 3.88
CA SER B 90 -14.16 -15.26 3.00
C SER B 90 -14.19 -13.76 3.24
N SER B 91 -14.98 -13.04 2.46
CA SER B 91 -15.01 -11.59 2.55
C SER B 91 -15.64 -11.12 3.87
N THR B 92 -16.75 -11.77 4.24
CA THR B 92 -17.35 -11.63 5.55
C THR B 92 -17.62 -13.04 6.04
N ARG B 93 -17.90 -13.18 7.33
CA ARG B 93 -18.32 -14.46 7.90
C ARG B 93 -19.23 -14.25 9.10
N ASP B 94 -20.36 -14.94 9.12
CA ASP B 94 -21.38 -14.76 10.16
C ASP B 94 -21.23 -15.80 11.27
N MET B 95 -21.08 -15.29 12.49
CA MET B 95 -20.65 -16.08 13.63
C MET B 95 -21.81 -16.64 14.45
N PRO B 96 -21.61 -17.80 15.09
CA PRO B 96 -22.63 -18.39 15.97
C PRO B 96 -23.24 -17.41 16.97
N ASN B 97 -22.43 -16.50 17.51
CA ASN B 97 -22.94 -15.50 18.45
C ASN B 97 -23.68 -14.34 17.79
N GLY B 98 -23.78 -14.39 16.45
CA GLY B 98 -24.51 -13.40 15.69
C GLY B 98 -23.71 -12.18 15.25
N GLU B 99 -22.40 -12.27 15.36
CA GLU B 99 -21.52 -11.20 14.89
C GLU B 99 -21.10 -11.48 13.47
N ARG B 100 -21.04 -10.43 12.64
CA ARG B 100 -20.44 -10.58 11.31
C ARG B 100 -19.01 -10.03 11.29
N ILE B 101 -18.07 -10.94 11.04
CA ILE B 101 -16.66 -10.64 10.95
C ILE B 101 -16.28 -10.52 9.49
N SER B 102 -15.67 -9.40 9.12
CA SER B 102 -15.24 -9.21 7.75
C SER B 102 -13.74 -8.93 7.64
N ASP B 103 -13.15 -9.43 6.56
CA ASP B 103 -11.76 -9.15 6.25
C ASP B 103 -11.63 -7.73 5.69
N ASP B 104 -10.47 -7.12 5.86
CA ASP B 104 -10.25 -5.70 5.54
C ASP B 104 -10.56 -5.39 4.08
N SER B 105 -10.24 -6.34 3.22
CA SER B 105 -10.49 -6.25 1.80
C SER B 105 -11.20 -7.53 1.35
N PRO B 106 -12.33 -7.40 0.61
CA PRO B 106 -13.06 -8.56 0.05
C PRO B 106 -12.23 -9.39 -0.93
N HIS B 107 -12.42 -10.71 -0.89
CA HIS B 107 -11.57 -11.67 -1.61
C HIS B 107 -12.27 -12.99 -1.79
N GLU B 108 -11.73 -13.82 -2.69
CA GLU B 108 -12.32 -15.12 -3.02
C GLU B 108 -12.37 -16.07 -1.83
N THR B 109 -13.48 -16.78 -1.71
CA THR B 109 -13.67 -17.80 -0.67
C THR B 109 -12.81 -19.03 -0.96
N GLN B 110 -12.09 -19.49 0.07
CA GLN B 110 -11.18 -20.65 -0.06
C GLN B 110 -10.76 -21.22 1.29
N ASP B 111 -10.14 -22.40 1.26
CA ASP B 111 -9.58 -23.01 2.44
C ASP B 111 -8.09 -22.72 2.58
N MET B 112 -7.76 -21.95 3.62
CA MET B 112 -6.38 -21.63 3.93
C MET B 112 -5.95 -22.36 5.19
N THR B 113 -4.69 -22.77 5.22
CA THR B 113 -4.07 -23.23 6.46
C THR B 113 -4.00 -22.08 7.46
N VAL B 114 -3.82 -22.43 8.73
CA VAL B 114 -3.54 -21.46 9.78
C VAL B 114 -2.35 -20.55 9.40
N ALA B 115 -1.28 -21.14 8.87
CA ALA B 115 -0.12 -20.38 8.41
C ALA B 115 -0.49 -19.30 7.40
N GLY B 116 -1.33 -19.64 6.43
CA GLY B 116 -1.76 -18.72 5.39
C GLY B 116 -2.63 -17.60 5.92
N ILE B 117 -3.58 -17.97 6.77
CA ILE B 117 -4.48 -17.04 7.42
C ILE B 117 -3.73 -15.87 8.09
N ILE B 118 -2.71 -16.16 8.81
CA ILE B 118 -1.76 -15.27 9.48
C ILE B 118 -0.91 -14.42 8.54
N ALA B 119 -0.25 -15.01 7.64
CA ALA B 119 0.51 -14.26 6.62
C ALA B 119 -0.38 -13.23 5.89
N HIS B 120 -1.61 -13.61 5.59
CA HIS B 120 -2.58 -12.72 4.97
C HIS B 120 -3.31 -11.85 5.95
N SER B 121 -3.27 -12.25 7.23
CA SER B 121 -3.98 -11.54 8.31
C SER B 121 -5.50 -11.48 8.06
N TYR B 122 -6.10 -12.62 7.73
CA TYR B 122 -7.54 -12.69 7.48
C TYR B 122 -8.33 -12.86 8.76
N ASN B 123 -9.18 -11.88 9.07
CA ASN B 123 -10.06 -11.94 10.23
C ASN B 123 -10.99 -13.15 10.28
N THR B 124 -11.60 -13.47 9.15
CA THR B 124 -12.60 -14.55 9.05
C THR B 124 -12.02 -15.91 9.40
N GLY B 125 -10.71 -16.07 9.15
CA GLY B 125 -9.98 -17.28 9.50
C GLY B 125 -9.45 -17.31 10.93
N THR B 126 -9.00 -16.15 11.44
CA THR B 126 -8.40 -16.12 12.79
C THR B 126 -9.47 -16.19 13.86
N VAL B 127 -10.62 -15.60 13.57
CA VAL B 127 -11.80 -15.72 14.42
C VAL B 127 -12.10 -17.20 14.69
N GLN B 128 -11.92 -18.04 13.66
CA GLN B 128 -12.14 -19.48 13.79
C GLN B 128 -11.03 -20.18 14.56
N ILE B 129 -9.81 -19.65 14.46
CA ILE B 129 -8.69 -20.17 15.25
C ILE B 129 -8.94 -19.84 16.73
N GLY B 130 -9.36 -18.59 16.98
CA GLY B 130 -9.64 -18.13 18.33
C GLY B 130 -10.79 -18.89 18.97
N ASP B 131 -11.79 -19.24 18.17
CA ASP B 131 -12.96 -19.97 18.65
C ASP B 131 -12.70 -21.44 19.03
N THR B 132 -11.51 -21.94 18.76
CA THR B 132 -11.13 -23.29 19.21
C THR B 132 -10.76 -23.29 20.70
N VAL B 133 -10.70 -22.10 21.29
CA VAL B 133 -10.31 -21.93 22.68
C VAL B 133 -11.36 -21.08 23.39
N SER B 134 -11.49 -21.26 24.71
CA SER B 134 -12.43 -20.51 25.53
C SER B 134 -11.86 -19.15 25.89
N ASP B 135 -12.74 -18.18 26.13
CA ASP B 135 -12.33 -16.82 26.46
C ASP B 135 -11.53 -16.71 27.75
N SER B 136 -11.75 -17.65 28.68
CA SER B 136 -10.99 -17.67 29.92
C SER B 136 -9.55 -18.13 29.68
N VAL B 137 -9.36 -19.09 28.78
CA VAL B 137 -8.01 -19.52 28.38
C VAL B 137 -7.28 -18.40 27.65
N ARG B 138 -7.91 -17.87 26.60
CA ARG B 138 -7.33 -16.78 25.81
C ARG B 138 -6.91 -15.64 26.71
N TYR B 139 -7.83 -15.23 27.58
CA TYR B 139 -7.58 -14.18 28.58
C TYR B 139 -6.31 -14.46 29.40
N GLU B 140 -6.11 -15.72 29.75
CA GLU B 140 -5.00 -16.08 30.62
C GLU B 140 -3.68 -16.02 29.87
N TYR B 141 -3.73 -16.32 28.58
CA TYR B 141 -2.55 -16.16 27.73
C TYR B 141 -2.25 -14.68 27.53
N MET B 142 -3.29 -13.87 27.35
CA MET B 142 -3.11 -12.42 27.19
C MET B 142 -2.32 -11.85 28.35
N GLN B 143 -2.73 -12.23 29.56
CA GLN B 143 -2.09 -11.77 30.80
C GLN B 143 -0.66 -12.23 30.86
N LYS B 144 -0.44 -13.50 30.52
CA LYS B 144 0.87 -14.12 30.58
C LYS B 144 1.83 -13.45 29.60
N PHE B 145 1.30 -12.98 28.47
CA PHE B 145 2.07 -12.21 27.50
C PHE B 145 2.44 -10.79 27.99
N GLY B 146 1.92 -10.43 29.16
CA GLY B 146 2.23 -9.14 29.77
C GLY B 146 1.21 -8.04 29.55
N TRP B 147 0.11 -8.36 28.89
CA TRP B 147 -0.94 -7.37 28.64
C TRP B 147 -1.61 -7.00 29.93
N GLY B 148 -2.00 -5.72 30.04
CA GLY B 148 -2.70 -5.22 31.22
C GLY B 148 -1.86 -5.05 32.47
N ALA B 149 -0.55 -5.25 32.37
CA ALA B 149 0.39 -5.09 33.47
C ALA B 149 1.56 -4.24 33.03
N LYS B 150 2.10 -3.44 33.94
CA LYS B 150 3.36 -2.75 33.69
C LYS B 150 4.46 -3.78 33.50
N THR B 151 5.47 -3.43 32.71
CA THR B 151 6.58 -4.33 32.41
C THR B 151 7.56 -4.26 33.56
N GLY B 152 7.54 -3.14 34.27
CA GLY B 152 8.39 -2.97 35.43
C GLY B 152 9.69 -2.28 35.08
N ILE B 153 9.77 -1.74 33.87
CA ILE B 153 10.99 -1.06 33.44
C ILE B 153 11.24 0.17 34.31
N THR B 154 12.51 0.47 34.58
CA THR B 154 12.87 1.56 35.47
C THR B 154 12.84 2.90 34.71
N LEU B 155 11.63 3.30 34.34
CA LEU B 155 11.39 4.60 33.70
C LEU B 155 10.10 5.16 34.27
N PRO B 156 10.03 6.48 34.42
CA PRO B 156 8.81 7.10 34.96
C PRO B 156 7.58 6.93 34.06
N SER B 157 6.41 6.86 34.69
CA SER B 157 5.11 7.00 34.00
C SER B 157 4.67 5.86 33.08
N GLU B 158 5.07 4.64 33.40
CA GLU B 158 4.62 3.49 32.63
C GLU B 158 3.16 3.19 32.92
N GLU B 159 2.39 3.00 31.86
CA GLU B 159 1.02 2.53 31.99
C GLU B 159 0.93 1.01 31.93
N SER B 160 -0.12 0.46 32.50
CA SER B 160 -0.34 -0.97 32.43
C SER B 160 -1.16 -1.33 31.19
N GLY B 161 -1.66 -0.31 30.48
CA GLY B 161 -2.59 -0.55 29.37
C GLY B 161 -3.94 -1.06 29.86
N ILE B 162 -4.74 -1.58 28.94
CA ILE B 162 -6.10 -1.96 29.27
C ILE B 162 -6.37 -3.38 28.81
N LEU B 163 -6.69 -4.24 29.77
CA LEU B 163 -7.15 -5.60 29.50
C LEU B 163 -8.32 -5.91 30.44
N ARG B 164 -9.53 -5.91 29.91
CA ARG B 164 -10.73 -6.18 30.70
C ARG B 164 -10.89 -7.67 30.90
N PRO B 165 -11.43 -8.09 32.07
CA PRO B 165 -11.74 -9.50 32.31
C PRO B 165 -12.66 -10.05 31.24
N HIS B 166 -12.49 -11.33 30.92
CA HIS B 166 -13.21 -11.95 29.82
C HIS B 166 -14.70 -12.07 30.06
N THR B 167 -15.10 -12.06 31.34
CA THR B 167 -16.51 -12.07 31.74
C THR B 167 -17.20 -10.73 31.44
N GLU B 168 -16.39 -9.72 31.16
CA GLU B 168 -16.86 -8.37 30.86
C GLU B 168 -17.00 -8.14 29.35
N TRP B 169 -16.47 -9.07 28.56
CA TRP B 169 -16.55 -8.96 27.09
C TRP B 169 -17.91 -9.29 26.59
N GLY B 170 -18.40 -8.48 25.65
CA GLY B 170 -19.66 -8.75 24.97
C GLY B 170 -19.54 -9.81 23.89
N ASP B 171 -20.45 -9.73 22.91
CA ASP B 171 -20.42 -10.64 21.76
C ASP B 171 -19.38 -10.15 20.74
N ARG B 172 -19.35 -8.83 20.52
CA ARG B 172 -18.38 -8.18 19.65
C ARG B 172 -16.96 -8.43 20.15
N ASP B 173 -16.72 -8.06 21.42
CA ASP B 173 -15.41 -8.15 22.06
C ASP B 173 -14.81 -9.54 21.98
N HIS B 174 -15.66 -10.56 22.09
CA HIS B 174 -15.20 -11.93 22.05
C HIS B 174 -14.30 -12.11 20.85
N TYR B 175 -14.68 -11.47 19.75
CA TYR B 175 -13.94 -11.57 18.49
C TYR B 175 -12.86 -10.51 18.31
N THR B 176 -13.20 -9.25 18.54
CA THR B 176 -12.27 -8.15 18.35
C THR B 176 -11.00 -8.30 19.19
N THR B 177 -11.13 -8.93 20.35
CA THR B 177 -9.96 -9.23 21.18
C THR B 177 -9.07 -10.31 20.57
N MET B 178 -9.52 -10.94 19.47
CA MET B 178 -8.70 -11.91 18.75
C MET B 178 -7.75 -11.23 17.76
N PHE B 179 -8.10 -10.02 17.35
CA PHE B 179 -7.25 -9.27 16.44
C PHE B 179 -6.90 -7.88 16.95
N GLY B 180 -6.57 -7.81 18.23
CA GLY B 180 -5.97 -6.63 18.86
C GLY B 180 -6.88 -5.43 18.98
N GLN B 181 -8.17 -5.68 19.17
CA GLN B 181 -9.12 -4.60 19.42
C GLN B 181 -9.92 -4.88 20.69
N GLY B 182 -10.39 -3.81 21.32
CA GLY B 182 -10.96 -3.93 22.67
C GLY B 182 -9.89 -4.25 23.70
N VAL B 183 -8.64 -3.92 23.38
CA VAL B 183 -7.52 -3.96 24.33
C VAL B 183 -6.64 -2.77 23.98
N ALA B 184 -5.98 -2.18 24.98
CA ALA B 184 -4.96 -1.16 24.71
C ALA B 184 -3.64 -1.61 25.30
N VAL B 185 -2.55 -1.29 24.61
CA VAL B 185 -1.21 -1.74 24.99
C VAL B 185 -0.26 -0.56 24.88
N THR B 186 0.96 -0.71 25.39
CA THR B 186 2.05 0.22 25.16
C THR B 186 3.05 -0.39 24.16
N THR B 187 3.98 0.44 23.69
CA THR B 187 5.00 -0.03 22.77
C THR B 187 5.96 -1.02 23.42
N ILE B 188 6.31 -0.76 24.68
CA ILE B 188 7.18 -1.64 25.46
C ILE B 188 6.53 -3.02 25.67
N GLN B 189 5.22 -3.05 25.90
CA GLN B 189 4.50 -4.32 25.97
C GLN B 189 4.53 -5.14 24.65
N LEU B 190 4.37 -4.47 23.52
CA LEU B 190 4.44 -5.21 22.23
C LEU B 190 5.81 -5.86 21.98
N ALA B 191 6.88 -5.15 22.30
CA ALA B 191 8.24 -5.65 22.12
C ALA B 191 8.43 -6.89 22.99
N GLN B 192 8.03 -6.75 24.25
CA GLN B 192 8.13 -7.78 25.25
C GLN B 192 7.37 -9.03 24.83
N MET B 193 6.14 -8.83 24.37
CA MET B 193 5.28 -9.89 23.85
C MET B 193 5.91 -10.66 22.67
N VAL B 194 6.41 -9.94 21.68
CA VAL B 194 6.97 -10.56 20.48
C VAL B 194 8.26 -11.33 20.80
N ALA B 195 9.03 -10.86 21.79
CA ALA B 195 10.30 -11.47 22.15
C ALA B 195 10.13 -12.90 22.64
N VAL B 196 8.98 -13.18 23.24
CA VAL B 196 8.61 -14.53 23.69
C VAL B 196 8.89 -15.58 22.62
N PHE B 197 8.53 -15.27 21.38
CA PHE B 197 8.62 -16.22 20.27
C PHE B 197 10.05 -16.53 19.85
N GLY B 198 10.97 -15.62 20.14
CA GLY B 198 12.38 -15.90 19.88
C GLY B 198 13.10 -16.34 21.13
N GLN B 199 12.35 -16.56 22.21
CA GLN B 199 12.90 -16.87 23.52
C GLN B 199 12.40 -18.19 24.09
N LYS B 200 12.07 -19.11 23.19
CA LYS B 200 11.63 -20.45 23.58
C LYS B 200 10.39 -20.45 24.47
N GLY B 201 9.57 -19.41 24.31
CA GLY B 201 8.28 -19.33 25.01
C GLY B 201 8.36 -18.58 26.32
N VAL B 202 9.50 -17.95 26.58
CA VAL B 202 9.76 -17.24 27.82
C VAL B 202 9.69 -15.72 27.66
N LEU B 203 8.95 -15.10 28.58
CA LEU B 203 8.87 -13.65 28.68
C LEU B 203 9.92 -13.16 29.66
N ILE B 204 10.80 -12.30 29.19
CA ILE B 204 11.87 -11.76 30.03
C ILE B 204 11.62 -10.28 30.25
N PRO B 205 11.53 -9.86 31.52
CA PRO B 205 11.18 -8.47 31.78
C PRO B 205 12.26 -7.55 31.21
N PRO B 206 11.86 -6.43 30.57
CA PRO B 206 12.82 -5.52 29.95
C PRO B 206 13.61 -4.67 30.95
N ARG B 207 14.84 -4.33 30.56
CA ARG B 207 15.77 -3.58 31.40
C ARG B 207 16.33 -2.45 30.58
N ILE B 208 16.41 -1.24 31.13
CA ILE B 208 17.15 -0.18 30.48
C ILE B 208 18.42 0.14 31.26
N ILE B 209 18.52 -0.41 32.46
CA ILE B 209 19.70 -0.24 33.28
C ILE B 209 20.45 -1.56 33.34
N ASP B 210 21.70 -1.54 32.91
CA ASP B 210 22.57 -2.71 33.01
C ASP B 210 23.01 -2.87 34.44
N GLY B 211 23.50 -1.76 35.01
CA GLY B 211 24.03 -1.75 36.36
C GLY B 211 24.82 -0.48 36.64
N TYR B 212 25.17 -0.29 37.91
CA TYR B 212 25.91 0.90 38.32
C TYR B 212 27.28 0.56 38.87
N ASP B 213 28.22 1.49 38.65
CA ASP B 213 29.57 1.37 39.21
C ASP B 213 29.60 1.95 40.61
N ASP B 214 30.44 1.38 41.44
CA ASP B 214 30.62 1.82 42.81
C ASP B 214 31.88 2.66 42.82
N GLU B 215 32.08 3.44 43.88
CA GLU B 215 33.29 4.23 43.92
C GLU B 215 34.40 3.21 43.79
N ASN B 216 35.39 3.52 42.97
CA ASN B 216 36.42 2.56 42.60
C ASN B 216 36.11 1.73 41.34
N GLY B 217 34.95 1.95 40.72
CA GLY B 217 34.75 1.40 39.38
C GLY B 217 34.35 -0.06 39.37
N VAL B 218 33.86 -0.57 40.50
CA VAL B 218 33.31 -1.92 40.54
C VAL B 218 31.83 -1.85 40.14
N TYR B 219 31.50 -2.61 39.10
CA TYR B 219 30.18 -2.61 38.52
C TYR B 219 29.33 -3.70 39.19
N THR B 220 28.14 -3.34 39.69
CA THR B 220 27.15 -4.33 40.09
C THR B 220 26.01 -4.38 39.05
N PRO B 221 25.83 -5.55 38.41
CA PRO B 221 24.70 -5.79 37.51
C PRO B 221 23.37 -5.63 38.21
N THR B 222 22.34 -5.24 37.45
CA THR B 222 20.99 -5.15 38.01
C THR B 222 20.38 -6.53 38.16
N VAL B 223 19.62 -6.68 39.23
CA VAL B 223 18.97 -7.95 39.53
C VAL B 223 17.72 -8.07 38.67
N MET B 224 17.79 -8.97 37.68
CA MET B 224 16.66 -9.35 36.83
C MET B 224 15.54 -9.95 37.66
N GLY B 225 14.34 -9.40 37.47
CA GLY B 225 13.10 -10.03 37.93
C GLY B 225 12.87 -11.32 37.16
N GLU B 226 12.21 -12.27 37.82
CA GLU B 226 11.89 -13.58 37.27
C GLU B 226 11.30 -13.50 35.87
N SER B 227 11.81 -14.35 34.99
CA SER B 227 11.19 -14.58 33.70
C SER B 227 10.03 -15.54 33.91
N ARG B 228 9.17 -15.68 32.90
CA ARG B 228 8.06 -16.63 32.99
C ARG B 228 7.78 -17.35 31.69
N GLN B 229 7.30 -18.59 31.81
CA GLN B 229 6.92 -19.42 30.68
C GLN B 229 5.53 -19.01 30.22
N VAL B 230 5.41 -18.63 28.96
CA VAL B 230 4.15 -18.16 28.43
C VAL B 230 3.54 -19.26 27.57
N VAL B 231 4.38 -19.84 26.72
CA VAL B 231 4.00 -20.95 25.85
C VAL B 231 5.16 -21.95 25.83
N SER B 232 4.94 -23.16 25.31
CA SER B 232 6.02 -24.15 25.27
C SER B 232 7.04 -23.75 24.21
N GLU B 233 8.27 -24.24 24.37
CA GLU B 233 9.32 -23.99 23.39
C GLU B 233 8.85 -24.35 21.98
N ASP B 234 8.07 -25.43 21.90
CA ASP B 234 7.49 -25.89 20.64
C ASP B 234 6.53 -24.89 20.02
N THR B 235 5.63 -24.35 20.84
CA THR B 235 4.68 -23.36 20.39
C THR B 235 5.38 -22.11 19.93
N ALA B 236 6.43 -21.71 20.65
CA ALA B 236 7.16 -20.51 20.31
C ALA B 236 7.80 -20.64 18.92
N GLN B 237 8.43 -21.78 18.68
CA GLN B 237 9.08 -22.08 17.40
C GLN B 237 8.10 -22.16 16.22
N THR B 238 6.92 -22.71 16.47
CA THR B 238 5.86 -22.80 15.46
C THR B 238 5.35 -21.42 15.08
N VAL B 239 5.18 -20.55 16.07
CA VAL B 239 4.73 -19.19 15.80
C VAL B 239 5.84 -18.45 15.07
N LEU B 240 7.08 -18.67 15.50
CA LEU B 240 8.24 -18.05 14.88
C LEU B 240 8.32 -18.43 13.39
N ASN B 241 7.99 -19.69 13.08
CA ASN B 241 7.92 -20.19 11.70
C ASN B 241 6.80 -19.54 10.91
N ILE B 242 5.61 -19.49 11.50
CA ILE B 242 4.43 -18.89 10.87
C ILE B 242 4.66 -17.40 10.58
N MET B 243 5.37 -16.72 11.47
CA MET B 243 5.64 -15.30 11.31
C MET B 243 6.52 -15.01 10.09
N GLN B 244 7.23 -16.03 9.62
CA GLN B 244 8.10 -15.87 8.45
C GLN B 244 7.33 -15.76 7.12
N GLY B 245 6.05 -16.11 7.15
CA GLY B 245 5.16 -15.94 6.01
C GLY B 245 4.79 -14.49 5.67
N ALA B 246 4.98 -13.58 6.62
CA ALA B 246 4.64 -12.16 6.44
C ALA B 246 5.42 -11.51 5.31
N THR B 247 6.65 -11.94 5.12
CA THR B 247 7.51 -11.36 4.10
C THR B 247 7.56 -12.25 2.85
N GLN B 248 6.87 -13.39 2.92
CA GLN B 248 6.68 -14.27 1.75
C GLN B 248 5.71 -13.63 0.74
N PRO B 249 5.79 -14.04 -0.54
CA PRO B 249 4.80 -13.69 -1.55
C PRO B 249 3.34 -13.83 -1.09
N GLY B 250 2.60 -12.72 -1.12
CA GLY B 250 1.22 -12.69 -0.66
C GLY B 250 1.06 -12.26 0.79
N GLY B 251 2.16 -12.27 1.55
CA GLY B 251 2.14 -11.86 2.97
C GLY B 251 2.01 -10.35 3.17
N THR B 252 1.47 -9.95 4.32
CA THR B 252 1.16 -8.52 4.57
C THR B 252 2.35 -7.58 4.65
N ALA B 253 3.54 -8.12 4.83
CA ALA B 253 4.77 -7.31 4.93
C ALA B 253 5.73 -7.52 3.75
N GLU B 254 5.25 -8.19 2.71
CA GLU B 254 6.05 -8.47 1.52
C GLU B 254 6.68 -7.22 0.94
N GLY B 255 7.97 -7.28 0.70
CA GLY B 255 8.69 -6.18 0.07
C GLY B 255 9.05 -5.07 1.04
N ILE B 256 8.02 -4.39 1.56
CA ILE B 256 8.19 -3.22 2.43
C ILE B 256 8.84 -3.61 3.76
N GLY B 257 8.70 -4.87 4.15
CA GLY B 257 9.19 -5.34 5.44
C GLY B 257 10.47 -6.18 5.39
N ALA B 258 11.08 -6.26 4.21
CA ALA B 258 12.21 -7.15 4.00
C ALA B 258 13.53 -6.49 4.29
N VAL B 259 14.45 -7.26 4.88
CA VAL B 259 15.81 -6.79 5.16
C VAL B 259 16.72 -7.70 4.34
N LYS B 260 17.42 -7.10 3.37
CA LYS B 260 18.26 -7.85 2.42
C LYS B 260 19.32 -8.62 3.18
N GLY B 261 19.34 -9.92 2.97
CA GLY B 261 20.37 -10.78 3.57
C GLY B 261 19.89 -11.50 4.80
N TYR B 262 18.73 -11.12 5.32
CA TYR B 262 18.25 -11.62 6.60
C TYR B 262 16.82 -12.07 6.56
N ASN B 263 16.56 -13.26 7.07
CA ASN B 263 15.19 -13.78 7.22
C ASN B 263 14.42 -13.00 8.29
N VAL B 264 13.19 -12.59 7.97
CA VAL B 264 12.39 -11.73 8.86
C VAL B 264 11.13 -12.45 9.32
N ALA B 265 10.91 -12.52 10.63
CA ALA B 265 9.62 -12.97 11.19
C ALA B 265 8.86 -11.73 11.63
N ALA B 266 7.65 -11.52 11.11
CA ALA B 266 6.92 -10.28 11.38
C ALA B 266 5.40 -10.42 11.43
N LYS B 267 4.74 -9.37 11.93
CA LYS B 267 3.29 -9.26 11.92
C LYS B 267 2.94 -7.78 11.86
N THR B 268 1.90 -7.44 11.10
CA THR B 268 1.46 -6.07 10.90
C THR B 268 0.11 -5.91 11.59
N GLY B 269 -0.21 -4.69 12.00
CA GLY B 269 -1.55 -4.39 12.48
C GLY B 269 -1.98 -2.98 12.16
N THR B 270 -3.29 -2.76 12.14
CA THR B 270 -3.87 -1.42 12.01
C THR B 270 -5.10 -1.41 12.90
N ALA B 271 -5.30 -0.34 13.66
CA ALA B 271 -6.47 -0.28 14.51
C ALA B 271 -6.98 1.15 14.73
N GLU B 272 -8.31 1.28 14.74
CA GLU B 272 -8.97 2.52 15.13
C GLU B 272 -8.76 2.78 16.61
N ASN B 273 -8.56 4.06 16.93
CA ASN B 273 -8.39 4.54 18.29
C ASN B 273 -9.22 5.82 18.48
N VAL B 274 -9.51 6.18 19.73
CA VAL B 274 -10.49 7.23 20.03
C VAL B 274 -9.98 8.69 19.97
N GLY B 275 -8.98 9.03 20.78
CA GLY B 275 -8.40 10.39 20.73
C GLY B 275 -9.30 11.57 21.13
N SER B 276 -8.84 12.79 20.80
CA SER B 276 -9.35 14.06 21.36
C SER B 276 -10.81 14.39 21.06
N SER B 277 -11.28 14.04 19.88
CA SER B 277 -12.64 14.36 19.47
C SER B 277 -13.67 13.73 20.41
N GLY B 278 -13.36 12.52 20.87
CA GLY B 278 -14.28 11.77 21.71
C GLY B 278 -15.17 10.92 20.83
N SER B 279 -14.97 11.08 19.53
CA SER B 279 -15.55 10.18 18.54
C SER B 279 -14.35 9.57 17.83
N LEU B 280 -14.32 8.25 17.72
CA LEU B 280 -13.15 7.59 17.17
C LEU B 280 -12.92 8.03 15.73
N THR B 281 -11.66 8.29 15.39
CA THR B 281 -11.32 8.67 14.03
C THR B 281 -9.82 8.47 13.82
N ASP B 282 -9.13 8.08 14.88
CA ASP B 282 -7.68 7.90 14.88
C ASP B 282 -7.26 6.49 14.52
N THR B 283 -6.01 6.35 14.08
CA THR B 283 -5.43 5.03 13.83
C THR B 283 -4.00 4.88 14.34
N ALA B 284 -3.71 3.67 14.82
CA ALA B 284 -2.36 3.23 15.15
C ALA B 284 -1.92 2.17 14.12
N ALA B 285 -0.75 2.37 13.54
CA ALA B 285 -0.14 1.39 12.63
C ALA B 285 1.01 0.67 13.32
N THR B 286 0.85 -0.63 13.53
CA THR B 286 1.80 -1.38 14.33
C THR B 286 2.56 -2.44 13.53
N PHE B 287 3.75 -2.79 14.03
CA PHE B 287 4.62 -3.75 13.39
C PHE B 287 5.51 -4.39 14.46
N THR B 288 5.38 -5.71 14.61
CA THR B 288 6.23 -6.46 15.54
C THR B 288 7.04 -7.49 14.75
N ALA B 289 8.35 -7.52 14.98
CA ALA B 289 9.21 -8.44 14.25
C ALA B 289 10.38 -8.98 15.05
N LEU B 290 10.94 -10.09 14.54
CA LEU B 290 12.09 -10.79 15.10
C LEU B 290 13.09 -11.01 13.96
N ILE B 291 14.38 -10.81 14.22
CA ILE B 291 15.40 -10.93 13.17
C ILE B 291 16.79 -11.33 13.76
N PRO B 292 17.54 -12.24 13.08
CA PRO B 292 17.20 -13.11 11.93
C PRO B 292 16.22 -14.17 12.35
N ALA B 293 15.19 -14.39 11.55
CA ALA B 293 14.12 -15.28 11.97
C ALA B 293 14.56 -16.69 12.39
N GLU B 294 15.68 -17.16 11.84
CA GLU B 294 16.12 -18.53 12.16
C GLU B 294 16.75 -18.61 13.55
N ASN B 295 17.30 -17.49 14.02
CA ASN B 295 17.99 -17.43 15.30
C ASN B 295 17.94 -15.97 15.78
N PRO B 296 16.76 -15.51 16.24
CA PRO B 296 16.50 -14.08 16.45
C PRO B 296 17.46 -13.43 17.44
N LYS B 297 17.95 -12.25 17.11
CA LYS B 297 18.85 -11.51 17.98
C LYS B 297 18.19 -10.28 18.57
N ILE B 298 17.25 -9.71 17.82
CA ILE B 298 16.47 -8.57 18.32
C ILE B 298 14.95 -8.77 18.09
N ALA B 299 14.15 -8.20 18.98
CA ALA B 299 12.71 -8.10 18.84
C ALA B 299 12.39 -6.62 18.71
N VAL B 300 11.57 -6.27 17.73
CA VAL B 300 11.28 -4.86 17.43
C VAL B 300 9.76 -4.63 17.44
N ALA B 301 9.32 -3.56 18.08
CA ALA B 301 7.92 -3.11 17.97
C ALA B 301 7.90 -1.65 17.50
N VAL B 302 7.05 -1.35 16.52
CA VAL B 302 6.92 0.03 16.03
C VAL B 302 5.43 0.41 15.96
N VAL B 303 5.09 1.62 16.40
CA VAL B 303 3.75 2.17 16.18
C VAL B 303 3.91 3.55 15.56
N ILE B 304 3.04 3.88 14.61
CA ILE B 304 2.89 5.24 14.14
C ILE B 304 1.41 5.56 14.39
N TYR B 305 1.16 6.72 14.96
CA TYR B 305 -0.20 7.10 15.35
C TYR B 305 -0.66 8.30 14.51
N LYS B 306 -1.88 8.22 13.99
CA LYS B 306 -2.43 9.33 13.21
C LYS B 306 -3.79 9.82 13.69
N GLU B 307 -3.95 11.14 13.71
CA GLU B 307 -5.22 11.80 14.04
C GLU B 307 -6.08 12.02 12.82
N ASN B 308 -7.35 11.60 12.91
CA ASN B 308 -8.38 11.89 11.88
C ASN B 308 -7.96 11.37 10.52
N GLY B 309 -7.68 10.08 10.44
CA GLY B 309 -7.14 9.49 9.24
C GLY B 309 -6.59 8.11 9.51
N THR B 310 -6.38 7.37 8.43
CA THR B 310 -5.91 5.99 8.50
C THR B 310 -4.42 5.87 8.17
N VAL B 311 -3.76 4.98 8.90
CA VAL B 311 -2.35 4.68 8.70
C VAL B 311 -2.24 3.14 8.80
N TYR B 312 -1.24 2.57 8.13
CA TYR B 312 -1.19 1.12 8.00
C TYR B 312 0.14 0.57 8.46
N GLY B 313 0.09 -0.54 9.17
CA GLY B 313 1.28 -1.20 9.69
C GLY B 313 2.36 -1.40 8.65
N SER B 314 1.97 -1.99 7.52
CA SER B 314 2.91 -2.26 6.43
C SER B 314 3.60 -1.02 5.86
N THR B 315 2.83 0.02 5.56
CA THR B 315 3.40 1.16 4.87
C THR B 315 3.94 2.23 5.79
N ALA B 316 3.34 2.38 6.98
CA ALA B 316 3.80 3.38 7.95
C ALA B 316 4.94 2.86 8.80
N SER B 317 4.71 1.74 9.48
CA SER B 317 5.64 1.20 10.47
C SER B 317 6.73 0.26 9.96
N ALA B 318 6.41 -0.59 8.98
CA ALA B 318 7.40 -1.55 8.47
C ALA B 318 8.75 -0.92 8.07
N PRO B 319 8.73 0.23 7.34
CA PRO B 319 10.02 0.82 6.95
C PRO B 319 10.87 1.29 8.11
N VAL B 320 10.25 1.64 9.24
CA VAL B 320 11.01 1.96 10.48
C VAL B 320 11.73 0.69 10.95
N PHE B 321 11.01 -0.43 11.01
CA PHE B 321 11.65 -1.68 11.36
C PHE B 321 12.87 -1.91 10.48
N VAL B 322 12.68 -1.76 9.15
CA VAL B 322 13.75 -2.03 8.19
C VAL B 322 15.02 -1.20 8.43
N ASP B 323 14.84 0.11 8.66
CA ASP B 323 15.96 0.99 9.00
C ASP B 323 16.66 0.54 10.28
N ILE B 324 15.87 0.17 11.29
CA ILE B 324 16.42 -0.26 12.58
C ILE B 324 17.20 -1.57 12.38
N ALA B 325 16.56 -2.55 11.76
CA ALA B 325 17.11 -3.89 11.62
C ALA B 325 18.33 -3.92 10.70
N GLN B 326 18.35 -3.11 9.65
CA GLN B 326 19.51 -3.02 8.76
C GLN B 326 20.73 -2.55 9.53
N PHE B 327 20.54 -1.50 10.32
CA PHE B 327 21.62 -0.95 11.13
C PHE B 327 22.04 -1.93 12.23
N ALA B 328 21.06 -2.51 12.93
CA ALA B 328 21.33 -3.46 14.01
C ALA B 328 22.18 -4.64 13.55
N MET B 329 21.85 -5.26 12.42
CA MET B 329 22.62 -6.41 11.96
C MET B 329 24.08 -6.06 11.67
N ARG B 330 24.25 -4.83 11.17
CA ARG B 330 25.65 -4.42 11.03
C ARG B 330 26.19 -3.97 12.39
N GLU B 331 25.64 -3.33 13.02
CA GLU B 331 26.21 -2.91 14.31
C GLU B 331 26.60 -4.12 15.15
N MET B 332 25.72 -5.11 15.19
CA MET B 332 25.93 -6.31 15.99
C MET B 332 26.73 -7.37 15.23
N LYS B 333 27.15 -7.03 14.01
CA LYS B 333 27.98 -7.91 13.19
C LYS B 333 27.41 -9.34 13.04
N ILE B 334 26.10 -9.44 12.87
CA ILE B 334 25.42 -10.71 12.67
C ILE B 334 25.49 -11.02 11.17
N PRO B 335 26.03 -12.21 10.81
CA PRO B 335 26.18 -12.54 9.39
C PRO B 335 24.82 -12.78 8.71
N PRO B 336 24.75 -12.60 7.37
CA PRO B 336 23.54 -12.85 6.59
C PRO B 336 23.01 -14.26 6.79
N SER B 337 21.71 -14.43 6.60
CA SER B 337 21.07 -15.73 6.69
C SER B 337 21.62 -16.70 5.64
N THR B 338 21.75 -17.97 6.01
CA THR B 338 22.21 -19.00 5.08
C THR B 338 21.23 -20.16 5.05
N VAL B 339 20.01 -19.88 5.48
CA VAL B 339 18.95 -20.87 5.51
C VAL B 339 17.73 -20.19 4.87
N PRO B 340 16.91 -20.95 4.12
CA PRO B 340 15.76 -20.33 3.47
C PRO B 340 14.73 -19.83 4.46
N LEU B 341 14.02 -18.75 4.09
CA LEU B 341 12.84 -18.32 4.83
C LEU B 341 11.91 -19.50 4.97
N TYR B 342 11.43 -19.73 6.18
CA TYR B 342 10.53 -20.84 6.45
C TYR B 342 9.21 -20.66 5.72
N LYS B 343 8.73 -21.77 5.15
CA LYS B 343 7.45 -21.75 4.45
C LYS B 343 6.60 -22.94 4.88
N TYR B 344 5.36 -22.64 5.27
CA TYR B 344 4.31 -23.66 5.36
C TYR B 344 3.45 -23.59 4.10
N PRO B 345 2.72 -24.67 3.81
CA PRO B 345 1.65 -24.61 2.81
C PRO B 345 0.56 -23.68 3.29
N TRP B 346 -0.03 -22.94 2.36
CA TRP B 346 -1.10 -22.00 2.70
C TRP B 346 -2.41 -22.51 2.17
#